data_9MMH
#
_entry.id   9MMH
#
_cell.length_a   110.015
_cell.length_b   110.015
_cell.length_c   256.654
_cell.angle_alpha   90.000
_cell.angle_beta   90.000
_cell.angle_gamma   120.000
#
_symmetry.space_group_name_H-M   'P 31 2 1'
#
loop_
_entity.id
_entity.type
_entity.pdbx_description
1 polymer 'Phosphoglycerate mutase'
2 non-polymer 'SULFATE ION'
3 water water
#
_entity_poly.entity_id   1
_entity_poly.type   'polypeptide(L)'
_entity_poly.pdbx_seq_one_letter_code
;MKKIYLIRHAQSEYNEKGIFQGRLDSDLTPLGFVQSRLLVKQFEREKPEVIITSPQRRAYKTALTLSDVLGIDLIVDERI
REMSFGVLEGRHFWTMFEENKEMIINWLKDPVKYPLPTQEDIKEFEKRIKEFLEDLKSRKEKVLAVVGHGGTLHGLLCLA
LGIGLEKMWHIHMDNTGISLLEYDGERFYLKSLNDTCHLLVLD
;
_entity_poly.pdbx_strand_id   A,B,C,D
#
# COMPACT_ATOMS: atom_id res chain seq x y z
N MET A 1 8.33 -10.00 31.28
CA MET A 1 7.42 -10.32 30.14
C MET A 1 8.25 -10.16 28.86
N LYS A 2 7.96 -10.95 27.84
CA LYS A 2 8.43 -10.68 26.49
C LYS A 2 7.28 -10.12 25.67
N LYS A 3 7.54 -9.05 24.91
CA LYS A 3 6.54 -8.44 24.03
C LYS A 3 6.90 -8.77 22.59
N ILE A 4 5.98 -9.45 21.91
CA ILE A 4 6.19 -9.92 20.56
C ILE A 4 5.16 -9.23 19.67
N TYR A 5 5.61 -8.23 18.92
CA TYR A 5 4.74 -7.52 17.97
C TYR A 5 4.76 -8.24 16.63
N LEU A 6 3.64 -8.86 16.29
CA LEU A 6 3.49 -9.40 14.95
C LEU A 6 3.00 -8.30 14.02
N ILE A 7 3.59 -8.24 12.82
CA ILE A 7 3.30 -7.17 11.87
C ILE A 7 3.14 -7.79 10.49
N ARG A 8 1.94 -7.66 9.91
CA ARG A 8 1.78 -8.13 8.54
C ARG A 8 2.47 -7.13 7.61
N HIS A 9 3.13 -7.65 6.57
CA HIS A 9 3.86 -6.78 5.65
C HIS A 9 2.94 -5.75 5.01
N ALA A 10 3.57 -4.71 4.43
CA ALA A 10 2.83 -3.65 3.75
C ALA A 10 2.23 -4.15 2.44
N GLN A 11 1.40 -3.28 1.83
CA GLN A 11 0.66 -3.71 0.65
C GLN A 11 1.58 -3.99 -0.55
N SER A 12 1.47 -5.16 -1.13
CA SER A 12 2.17 -5.54 -2.35
C SER A 12 1.23 -5.45 -3.54
N GLU A 13 1.82 -5.55 -4.75
CA GLU A 13 1.02 -5.39 -5.96
C GLU A 13 -0.08 -6.44 -6.04
N TYR A 14 0.26 -7.69 -5.78
CA TYR A 14 -0.75 -8.74 -5.84
C TYR A 14 -1.86 -8.52 -4.80
N ASN A 15 -1.52 -8.01 -3.61
CA ASN A 15 -2.57 -7.70 -2.63
C ASN A 15 -3.52 -6.65 -3.21
N GLU A 16 -2.96 -5.57 -3.73
CA GLU A 16 -3.77 -4.48 -4.27
C GLU A 16 -4.68 -4.95 -5.39
N LYS A 17 -4.28 -5.96 -6.14
CA LYS A 17 -5.06 -6.43 -7.28
C LYS A 17 -5.95 -7.61 -6.93
N GLY A 18 -5.88 -8.10 -5.70
CA GLY A 18 -6.68 -9.23 -5.30
C GLY A 18 -6.21 -10.56 -5.82
N ILE A 19 -4.90 -10.74 -6.01
CA ILE A 19 -4.32 -11.98 -6.61
C ILE A 19 -3.69 -12.86 -5.54
N PHE A 20 -4.06 -14.14 -5.49
CA PHE A 20 -3.46 -15.13 -4.57
C PHE A 20 -1.95 -15.07 -4.81
N GLN A 21 -1.13 -15.07 -3.77
CA GLN A 21 0.31 -14.84 -3.95
C GLN A 21 1.13 -16.01 -3.40
N GLY A 22 1.13 -16.23 -2.10
CA GLY A 22 1.89 -17.32 -1.52
C GLY A 22 3.41 -17.12 -1.71
N ARG A 23 4.05 -18.08 -2.38
CA ARG A 23 5.49 -18.00 -2.62
C ARG A 23 5.85 -16.98 -3.70
N LEU A 24 4.89 -16.46 -4.45
CA LEU A 24 5.21 -15.41 -5.42
C LEU A 24 5.64 -14.14 -4.68
N ASP A 25 6.23 -13.22 -5.43
CA ASP A 25 7.07 -12.20 -4.81
C ASP A 25 6.91 -10.80 -5.43
N SER A 26 5.70 -10.23 -5.34
CA SER A 26 5.51 -8.90 -5.89
C SER A 26 6.03 -7.84 -4.93
N ASP A 27 6.38 -6.69 -5.51
CA ASP A 27 6.94 -5.58 -4.75
C ASP A 27 5.82 -4.75 -4.04
N LEU A 28 6.25 -3.93 -3.11
CA LEU A 28 5.30 -3.04 -2.45
C LEU A 28 4.76 -2.01 -3.43
N THR A 29 3.53 -1.61 -3.23
CA THR A 29 2.94 -0.49 -3.98
C THR A 29 3.41 0.82 -3.38
N PRO A 30 3.11 1.95 -4.05
CA PRO A 30 3.31 3.25 -3.37
C PRO A 30 2.64 3.35 -2.00
N LEU A 31 1.43 2.83 -1.87
CA LEU A 31 0.76 2.81 -0.57
C LEU A 31 1.53 1.94 0.43
N GLY A 32 2.00 0.77 0.00
CA GLY A 32 2.79 -0.07 0.91
C GLY A 32 4.00 0.65 1.47
N PHE A 33 4.64 1.47 0.64
CA PHE A 33 5.81 2.19 1.11
C PHE A 33 5.43 3.24 2.15
N VAL A 34 4.28 3.91 1.99
CA VAL A 34 3.95 4.86 3.04
C VAL A 34 3.50 4.13 4.30
N GLN A 35 2.78 3.03 4.15
CA GLN A 35 2.38 2.23 5.31
C GLN A 35 3.61 1.81 6.11
N SER A 36 4.69 1.39 5.42
CA SER A 36 5.91 0.96 6.10
C SER A 36 6.51 2.12 6.87
N ARG A 37 6.43 3.29 6.29
CA ARG A 37 6.95 4.48 6.96
C ARG A 37 6.07 4.87 8.15
N LEU A 38 4.75 4.71 8.04
CA LEU A 38 3.89 5.12 9.15
C LEU A 38 4.00 4.17 10.34
N LEU A 39 4.41 2.93 10.09
CA LEU A 39 4.52 1.90 11.12
C LEU A 39 5.41 2.33 12.26
N VAL A 40 6.39 3.17 11.97
CA VAL A 40 7.35 3.57 12.99
C VAL A 40 6.65 4.26 14.15
N LYS A 41 5.55 4.95 13.86
CA LYS A 41 4.86 5.71 14.91
C LYS A 41 4.50 4.81 16.09
N GLN A 42 4.22 3.54 15.83
CA GLN A 42 3.80 2.62 16.87
C GLN A 42 4.91 2.30 17.87
N PHE A 43 6.15 2.53 17.51
CA PHE A 43 7.31 2.13 18.30
C PHE A 43 8.06 3.36 18.78
N GLU A 44 7.29 4.36 19.25
CA GLU A 44 7.81 5.61 19.80
C GLU A 44 8.14 5.48 21.28
N ARG A 45 7.28 4.85 22.07
CA ARG A 45 7.62 4.55 23.46
C ARG A 45 8.40 3.24 23.49
N GLU A 46 7.73 2.12 23.22
CA GLU A 46 8.33 0.80 23.24
C GLU A 46 9.08 0.54 21.93
N LYS A 47 10.44 0.53 21.97
CA LYS A 47 11.21 0.25 20.76
C LYS A 47 11.59 -1.22 20.72
N PRO A 48 11.28 -1.97 19.68
CA PRO A 48 11.82 -3.34 19.58
C PRO A 48 13.35 -3.34 19.61
N GLU A 49 13.92 -4.38 20.19
CA GLU A 49 15.36 -4.60 20.22
C GLU A 49 15.85 -5.34 18.98
N VAL A 50 14.96 -6.03 18.27
CA VAL A 50 15.27 -6.70 17.02
C VAL A 50 13.99 -6.78 16.20
N ILE A 51 14.15 -6.79 14.87
CA ILE A 51 13.09 -7.12 13.93
C ILE A 51 13.48 -8.37 13.20
N ILE A 52 12.56 -9.34 13.13
CA ILE A 52 12.70 -10.59 12.41
C ILE A 52 11.70 -10.59 11.25
N THR A 53 12.20 -10.83 10.03
CA THR A 53 11.33 -10.83 8.86
C THR A 53 11.38 -12.08 7.99
N SER A 54 10.26 -12.31 7.34
CA SER A 54 10.21 -13.22 6.22
C SER A 54 11.18 -12.70 5.16
N PRO A 55 11.79 -13.61 4.38
CA PRO A 55 12.70 -13.17 3.31
C PRO A 55 11.99 -12.61 2.10
N GLN A 56 10.70 -12.87 1.94
CA GLN A 56 10.00 -12.37 0.75
C GLN A 56 9.98 -10.86 0.76
N ARG A 57 10.07 -10.31 -0.46
CA ARG A 57 10.34 -8.88 -0.64
C ARG A 57 9.30 -7.98 0.05
N ARG A 58 8.02 -8.29 -0.08
CA ARG A 58 7.02 -7.43 0.55
C ARG A 58 7.22 -7.35 2.07
N ALA A 59 7.62 -8.45 2.69
CA ALA A 59 7.93 -8.43 4.12
C ALA A 59 9.26 -7.74 4.39
N TYR A 60 10.32 -8.14 3.68
CA TYR A 60 11.64 -7.60 3.95
C TYR A 60 11.66 -6.09 3.84
N LYS A 61 11.05 -5.54 2.79
CA LYS A 61 11.06 -4.08 2.59
C LYS A 61 10.27 -3.34 3.66
N THR A 62 9.16 -3.92 4.09
CA THR A 62 8.44 -3.31 5.22
C THR A 62 9.35 -3.26 6.43
N ALA A 63 9.94 -4.40 6.79
CA ALA A 63 10.78 -4.48 7.96
C ALA A 63 12.01 -3.58 7.83
N LEU A 64 12.57 -3.48 6.63
CA LEU A 64 13.79 -2.68 6.49
C LEU A 64 13.51 -1.20 6.79
N THR A 65 12.33 -0.71 6.38
CA THR A 65 11.97 0.67 6.72
C THR A 65 11.99 0.86 8.22
N LEU A 66 11.36 -0.06 8.95
CA LEU A 66 11.29 0.04 10.39
C LEU A 66 12.67 -0.05 11.01
N SER A 67 13.47 -1.04 10.60
CA SER A 67 14.80 -1.22 11.16
C SER A 67 15.71 -0.02 10.88
N ASP A 68 15.61 0.55 9.67
CA ASP A 68 16.38 1.75 9.34
C ASP A 68 16.01 2.93 10.21
N VAL A 69 14.72 3.22 10.37
CA VAL A 69 14.36 4.43 11.12
C VAL A 69 14.61 4.25 12.61
N LEU A 70 14.38 3.05 13.14
CA LEU A 70 14.61 2.84 14.56
C LEU A 70 16.07 2.55 14.88
N GLY A 71 16.86 2.20 13.88
CA GLY A 71 18.25 1.86 14.07
C GLY A 71 18.50 0.56 14.78
N ILE A 72 17.82 -0.52 14.39
CA ILE A 72 17.99 -1.79 15.06
C ILE A 72 18.19 -2.88 14.03
N ASP A 73 18.76 -3.99 14.48
CA ASP A 73 19.08 -5.07 13.56
C ASP A 73 17.82 -5.65 12.94
N LEU A 74 17.92 -6.03 11.68
CA LEU A 74 16.94 -6.80 10.95
C LEU A 74 17.52 -8.18 10.64
N ILE A 75 16.87 -9.20 11.17
CA ILE A 75 17.21 -10.61 10.95
C ILE A 75 16.19 -11.20 10.01
N VAL A 76 16.65 -12.14 9.18
CA VAL A 76 15.79 -12.79 8.20
C VAL A 76 15.62 -14.26 8.57
N ASP A 77 14.40 -14.74 8.53
CA ASP A 77 14.11 -16.11 8.93
C ASP A 77 13.18 -16.77 7.92
N GLU A 78 13.71 -17.77 7.21
CA GLU A 78 12.95 -18.45 6.17
C GLU A 78 11.67 -19.09 6.72
N ARG A 79 11.64 -19.37 8.02
CA ARG A 79 10.54 -20.19 8.51
C ARG A 79 9.19 -19.46 8.53
N ILE A 80 9.19 -18.15 8.40
CA ILE A 80 7.93 -17.39 8.38
C ILE A 80 7.61 -16.85 6.98
N ARG A 81 8.25 -17.40 5.96
CA ARG A 81 7.80 -17.16 4.58
C ARG A 81 6.41 -17.75 4.40
N GLU A 82 5.67 -17.17 3.46
CA GLU A 82 4.23 -17.49 3.41
C GLU A 82 4.01 -18.95 3.05
N MET A 83 2.90 -19.50 3.51
CA MET A 83 2.42 -20.79 3.02
C MET A 83 2.38 -20.81 1.50
N SER A 84 2.84 -21.90 0.91
CA SER A 84 2.67 -22.13 -0.53
C SER A 84 1.24 -22.58 -0.81
N PHE A 85 0.64 -21.99 -1.84
CA PHE A 85 -0.68 -22.41 -2.34
C PHE A 85 -0.58 -23.10 -3.71
N GLY A 86 0.64 -23.46 -4.14
CA GLY A 86 0.80 -24.38 -5.26
C GLY A 86 0.40 -23.78 -6.59
N VAL A 87 -0.44 -24.51 -7.33
CA VAL A 87 -0.88 -24.04 -8.64
C VAL A 87 -1.84 -22.86 -8.53
N LEU A 88 -2.47 -22.65 -7.38
CA LEU A 88 -3.41 -21.54 -7.24
C LEU A 88 -2.71 -20.21 -7.07
N GLU A 89 -1.41 -20.19 -6.77
CA GLU A 89 -0.68 -18.93 -6.70
C GLU A 89 -0.79 -18.21 -8.04
N GLY A 90 -1.05 -16.93 -7.99
CA GLY A 90 -1.23 -16.16 -9.21
C GLY A 90 -2.65 -16.07 -9.76
N ARG A 91 -3.63 -16.71 -9.13
CA ARG A 91 -5.02 -16.57 -9.55
C ARG A 91 -5.74 -15.47 -8.81
N HIS A 92 -6.53 -14.71 -9.57
CA HIS A 92 -7.43 -13.70 -9.05
C HIS A 92 -8.34 -14.35 -8.02
N PHE A 93 -8.26 -13.88 -6.78
CA PHE A 93 -8.93 -14.61 -5.71
C PHE A 93 -10.45 -14.67 -5.94
N TRP A 94 -11.09 -13.53 -6.20
CA TRP A 94 -12.55 -13.52 -6.28
C TRP A 94 -13.04 -14.34 -7.47
N THR A 95 -12.33 -14.28 -8.60
CA THR A 95 -12.64 -15.17 -9.72
C THR A 95 -12.58 -16.63 -9.28
N MET A 96 -11.54 -17.00 -8.52
CA MET A 96 -11.41 -18.39 -8.07
C MET A 96 -12.51 -18.77 -7.11
N PHE A 97 -12.98 -17.82 -6.30
CA PHE A 97 -14.05 -18.14 -5.37
C PHE A 97 -15.35 -18.45 -6.11
N GLU A 98 -15.73 -17.60 -7.07
CA GLU A 98 -16.97 -17.80 -7.82
C GLU A 98 -16.99 -19.16 -8.51
N GLU A 99 -15.85 -19.62 -8.98
CA GLU A 99 -15.78 -20.89 -9.70
C GLU A 99 -15.60 -22.09 -8.78
N ASN A 100 -15.29 -21.86 -7.50
CA ASN A 100 -14.99 -22.92 -6.56
C ASN A 100 -15.46 -22.48 -5.17
N LYS A 101 -16.72 -22.05 -5.08
CA LYS A 101 -17.20 -21.48 -3.82
C LYS A 101 -16.98 -22.46 -2.66
N GLU A 102 -17.33 -23.74 -2.87
CA GLU A 102 -17.25 -24.70 -1.77
C GLU A 102 -15.81 -25.00 -1.39
N MET A 103 -14.90 -25.07 -2.36
CA MET A 103 -13.48 -25.28 -2.01
C MET A 103 -12.96 -24.17 -1.11
N ILE A 104 -13.28 -22.91 -1.44
CA ILE A 104 -12.76 -21.77 -0.70
C ILE A 104 -13.43 -21.66 0.67
N ILE A 105 -14.77 -21.81 0.71
CA ILE A 105 -15.46 -21.71 1.99
C ILE A 105 -14.95 -22.77 2.96
N ASN A 106 -14.80 -24.00 2.49
CA ASN A 106 -14.33 -25.06 3.38
C ASN A 106 -12.90 -24.78 3.86
N TRP A 107 -12.05 -24.29 2.95
CA TRP A 107 -10.67 -23.98 3.32
C TRP A 107 -10.62 -22.88 4.39
N LEU A 108 -11.46 -21.86 4.25
CA LEU A 108 -11.48 -20.80 5.24
C LEU A 108 -12.04 -21.29 6.56
N LYS A 109 -13.01 -22.21 6.52
CA LYS A 109 -13.62 -22.71 7.75
C LYS A 109 -12.66 -23.62 8.51
N ASP A 110 -11.94 -24.50 7.80
CA ASP A 110 -10.96 -25.39 8.41
C ASP A 110 -9.92 -25.75 7.35
N PRO A 111 -8.77 -25.06 7.33
CA PRO A 111 -7.77 -25.33 6.27
C PRO A 111 -6.94 -26.57 6.53
N VAL A 112 -7.02 -27.14 7.73
CA VAL A 112 -6.39 -28.42 8.03
C VAL A 112 -7.19 -29.55 7.41
N LYS A 113 -8.49 -29.57 7.67
CA LYS A 113 -9.38 -30.59 7.14
C LYS A 113 -9.66 -30.41 5.65
N TYR A 114 -9.56 -29.21 5.12
CA TYR A 114 -9.93 -28.94 3.74
C TYR A 114 -8.81 -28.15 3.05
N PRO A 115 -7.62 -28.71 2.95
CA PRO A 115 -6.52 -27.99 2.27
C PRO A 115 -6.88 -27.75 0.82
N LEU A 116 -6.29 -26.70 0.26
CA LEU A 116 -6.44 -26.41 -1.14
C LEU A 116 -5.59 -27.37 -1.96
N PRO A 117 -5.94 -27.56 -3.24
CA PRO A 117 -5.14 -28.44 -4.10
C PRO A 117 -3.71 -27.93 -4.27
N THR A 118 -2.76 -28.80 -4.00
CA THR A 118 -1.34 -28.53 -4.20
C THR A 118 -0.79 -27.53 -3.19
N GLN A 119 -1.52 -27.23 -2.13
CA GLN A 119 -1.01 -26.31 -1.12
C GLN A 119 0.04 -27.01 -0.27
N GLU A 120 0.88 -26.21 0.38
CA GLU A 120 1.92 -26.71 1.26
C GLU A 120 1.31 -27.69 2.26
N ASP A 121 2.02 -28.79 2.50
CA ASP A 121 1.52 -29.76 3.47
C ASP A 121 1.35 -29.09 4.83
N ILE A 122 0.16 -29.21 5.41
CA ILE A 122 -0.16 -28.47 6.61
C ILE A 122 0.71 -28.89 7.80
N LYS A 123 1.16 -30.14 7.81
CA LYS A 123 2.00 -30.60 8.92
C LYS A 123 3.42 -30.09 8.78
N GLU A 124 3.93 -29.96 7.57
CA GLU A 124 5.21 -29.27 7.38
C GLU A 124 5.09 -27.79 7.72
N PHE A 125 4.01 -27.15 7.28
CA PHE A 125 3.79 -25.73 7.62
C PHE A 125 3.78 -25.54 9.13
N GLU A 126 2.95 -26.31 9.81
CA GLU A 126 2.90 -26.24 11.26
C GLU A 126 4.28 -26.45 11.88
N LYS A 127 5.06 -27.38 11.34
CA LYS A 127 6.35 -27.67 11.96
C LYS A 127 7.28 -26.48 11.90
N ARG A 128 7.38 -25.81 10.74
CA ARG A 128 8.31 -24.70 10.66
C ARG A 128 7.86 -23.52 11.51
N ILE A 129 6.56 -23.23 11.54
CA ILE A 129 5.99 -22.16 12.38
C ILE A 129 6.22 -22.45 13.86
N LYS A 130 5.96 -23.69 14.29
CA LYS A 130 6.15 -24.05 15.69
C LYS A 130 7.62 -23.95 16.10
N GLU A 131 8.54 -24.39 15.24
CA GLU A 131 9.95 -24.25 15.56
C GLU A 131 10.34 -22.79 15.64
N PHE A 132 9.81 -21.96 14.73
CA PHE A 132 10.05 -20.53 14.85
C PHE A 132 9.56 -19.99 16.20
N LEU A 133 8.37 -20.41 16.60
CA LEU A 133 7.77 -19.90 17.84
C LEU A 133 8.57 -20.34 19.06
N GLU A 134 9.05 -21.59 19.03
CA GLU A 134 9.89 -22.08 20.12
C GLU A 134 11.18 -21.27 20.22
N ASP A 135 11.83 -20.96 19.10
CA ASP A 135 12.98 -20.08 19.18
C ASP A 135 12.62 -18.72 19.73
N LEU A 136 11.41 -18.22 19.42
CA LEU A 136 11.02 -16.92 19.97
C LEU A 136 11.02 -16.92 21.49
N LYS A 137 10.49 -18.00 22.08
CA LYS A 137 10.44 -18.09 23.54
C LYS A 137 11.82 -17.96 24.15
N SER A 138 12.83 -18.61 23.55
CA SER A 138 14.19 -18.64 24.07
C SER A 138 14.97 -17.36 23.81
N ARG A 139 14.50 -16.45 22.96
CA ARG A 139 15.34 -15.30 22.65
C ARG A 139 15.52 -14.43 23.88
N LYS A 140 16.62 -13.68 23.89
CA LYS A 140 16.96 -12.86 25.05
C LYS A 140 16.30 -11.50 25.02
N GLU A 141 15.95 -10.98 23.85
CA GLU A 141 15.27 -9.70 23.75
C GLU A 141 13.98 -9.69 24.56
N LYS A 142 13.70 -8.54 25.16
CA LYS A 142 12.47 -8.32 25.89
C LYS A 142 11.36 -7.80 25.00
N VAL A 143 11.69 -7.10 23.92
CA VAL A 143 10.75 -6.55 22.96
C VAL A 143 11.28 -6.86 21.57
N LEU A 144 10.45 -7.47 20.74
CA LEU A 144 10.78 -7.67 19.35
C LEU A 144 9.57 -7.64 18.45
N ALA A 145 9.84 -7.46 17.16
CA ALA A 145 8.82 -7.38 16.12
C ALA A 145 9.08 -8.42 15.05
N VAL A 146 8.02 -9.09 14.65
CA VAL A 146 8.06 -10.10 13.61
C VAL A 146 7.22 -9.62 12.43
N VAL A 147 7.87 -9.41 11.30
CA VAL A 147 7.19 -9.01 10.06
C VAL A 147 6.99 -10.23 9.18
N GLY A 148 5.72 -10.55 8.93
CA GLY A 148 5.36 -11.75 8.24
C GLY A 148 4.15 -11.60 7.35
N HIS A 149 3.51 -12.73 7.10
CA HIS A 149 2.44 -12.89 6.14
C HIS A 149 1.19 -13.36 6.87
N GLY A 150 0.05 -13.17 6.23
CA GLY A 150 -1.20 -13.62 6.80
C GLY A 150 -1.11 -15.06 7.33
N GLY A 151 -0.81 -16.01 6.46
CA GLY A 151 -0.80 -17.40 6.89
C GLY A 151 0.14 -17.66 8.05
N THR A 152 1.37 -17.15 7.97
CA THR A 152 2.32 -17.48 9.02
C THR A 152 2.03 -16.73 10.31
N LEU A 153 1.58 -15.48 10.22
CA LEU A 153 1.30 -14.76 11.45
C LEU A 153 0.00 -15.27 12.11
N HIS A 154 -1.04 -15.51 11.31
CA HIS A 154 -2.25 -16.07 11.90
C HIS A 154 -1.91 -17.40 12.56
N GLY A 155 -1.05 -18.20 11.90
CA GLY A 155 -0.71 -19.52 12.41
C GLY A 155 0.10 -19.45 13.69
N LEU A 156 1.07 -18.54 13.75
CA LEU A 156 1.75 -18.32 15.01
C LEU A 156 0.76 -17.96 16.14
N LEU A 157 -0.15 -17.03 15.87
CA LEU A 157 -1.14 -16.65 16.90
C LEU A 157 -1.92 -17.86 17.37
N CYS A 158 -2.39 -18.67 16.42
CA CYS A 158 -3.19 -19.84 16.78
C CYS A 158 -2.40 -20.80 17.66
N LEU A 159 -1.12 -21.00 17.34
CA LEU A 159 -0.34 -21.95 18.14
C LEU A 159 -0.04 -21.39 19.51
N ALA A 160 0.30 -20.10 19.58
CA ALA A 160 0.62 -19.48 20.86
C ALA A 160 -0.58 -19.55 21.82
N LEU A 161 -1.78 -19.38 21.30
CA LEU A 161 -2.99 -19.43 22.11
C LEU A 161 -3.52 -20.84 22.29
N GLY A 162 -2.95 -21.82 21.61
CA GLY A 162 -3.41 -23.20 21.72
C GLY A 162 -4.74 -23.48 21.10
N ILE A 163 -5.14 -22.74 20.06
CA ILE A 163 -6.46 -22.95 19.47
C ILE A 163 -6.38 -23.69 18.14
N GLY A 164 -5.20 -24.01 17.64
CA GLY A 164 -5.15 -24.90 16.48
C GLY A 164 -5.16 -24.14 15.16
N LEU A 165 -4.42 -24.67 14.19
CA LEU A 165 -4.42 -24.08 12.86
C LEU A 165 -5.78 -24.16 12.15
N GLU A 166 -6.75 -24.93 12.68
CA GLU A 166 -8.07 -24.92 12.07
C GLU A 166 -8.71 -23.52 12.12
N LYS A 167 -8.24 -22.66 13.03
CA LYS A 167 -8.83 -21.34 13.20
C LYS A 167 -8.06 -20.24 12.47
N MET A 168 -7.06 -20.59 11.65
CA MET A 168 -6.13 -19.56 11.17
C MET A 168 -6.81 -18.55 10.25
N TRP A 169 -7.91 -18.92 9.59
CA TRP A 169 -8.65 -17.94 8.79
C TRP A 169 -9.90 -17.43 9.51
N HIS A 170 -9.93 -17.55 10.82
CA HIS A 170 -10.97 -16.94 11.63
C HIS A 170 -10.57 -15.56 12.15
N ILE A 171 -9.31 -15.18 11.93
CA ILE A 171 -8.80 -13.88 12.35
C ILE A 171 -8.28 -13.20 11.10
N HIS A 172 -8.19 -11.88 11.16
CA HIS A 172 -7.66 -11.12 10.04
C HIS A 172 -6.57 -10.13 10.47
N MET A 173 -5.62 -9.87 9.54
CA MET A 173 -4.68 -8.77 9.67
C MET A 173 -4.59 -7.99 8.37
N ASP A 174 -4.73 -6.67 8.47
CA ASP A 174 -4.50 -5.84 7.31
C ASP A 174 -3.00 -5.63 7.10
N ASN A 175 -2.68 -5.00 5.98
CA ASN A 175 -1.29 -4.64 5.68
C ASN A 175 -0.74 -3.67 6.72
N THR A 176 0.43 -4.00 7.28
CA THR A 176 1.06 -3.37 8.43
C THR A 176 0.17 -3.36 9.68
N GLY A 177 -0.83 -4.24 9.74
CA GLY A 177 -1.53 -4.45 11.01
C GLY A 177 -0.65 -5.14 12.04
N ILE A 178 -0.71 -4.66 13.26
CA ILE A 178 0.15 -5.09 14.36
C ILE A 178 -0.68 -5.84 15.38
N SER A 179 -0.16 -6.96 15.86
CA SER A 179 -0.80 -7.73 16.92
C SER A 179 0.21 -8.04 18.00
N LEU A 180 -0.05 -7.56 19.22
CA LEU A 180 0.87 -7.71 20.34
C LEU A 180 0.56 -8.99 21.10
N LEU A 181 1.50 -9.93 21.07
CA LEU A 181 1.49 -11.14 21.89
C LEU A 181 2.53 -11.01 22.99
N GLU A 182 2.11 -11.26 24.22
CA GLU A 182 2.99 -11.22 25.37
C GLU A 182 3.25 -12.64 25.85
N TYR A 183 4.47 -12.88 26.33
CA TYR A 183 4.90 -14.20 26.76
C TYR A 183 5.50 -14.04 28.15
N ASP A 184 5.01 -14.83 29.11
CA ASP A 184 5.46 -14.69 30.50
C ASP A 184 6.37 -15.82 30.95
N GLY A 185 7.02 -16.52 30.03
CA GLY A 185 7.82 -17.67 30.37
C GLY A 185 7.07 -18.97 30.42
N GLU A 186 5.76 -18.91 30.44
CA GLU A 186 4.95 -20.12 30.49
C GLU A 186 3.85 -20.13 29.45
N ARG A 187 3.24 -18.99 29.16
CA ARG A 187 2.09 -18.97 28.28
C ARG A 187 1.98 -17.59 27.64
N PHE A 188 1.08 -17.50 26.68
CA PHE A 188 0.89 -16.30 25.87
C PHE A 188 -0.42 -15.61 26.26
N TYR A 189 -0.48 -14.31 25.95
CA TYR A 189 -1.68 -13.47 26.11
C TYR A 189 -1.74 -12.57 24.88
N LEU A 190 -2.85 -12.57 24.17
CA LEU A 190 -3.04 -11.68 23.03
C LEU A 190 -3.60 -10.33 23.53
N LYS A 191 -2.80 -9.27 23.39
CA LYS A 191 -3.21 -7.95 23.81
C LYS A 191 -3.86 -7.11 22.72
N SER A 192 -3.68 -7.46 21.46
CA SER A 192 -4.27 -6.67 20.39
C SER A 192 -4.19 -7.53 19.16
N LEU A 193 -5.10 -7.27 18.22
CA LEU A 193 -5.08 -7.88 16.90
C LEU A 193 -5.40 -6.84 15.85
N ASN A 194 -4.55 -6.78 14.82
CA ASN A 194 -4.78 -5.95 13.66
C ASN A 194 -4.96 -4.48 14.01
N ASP A 195 -4.02 -3.95 14.79
CA ASP A 195 -3.93 -2.53 15.09
C ASP A 195 -3.33 -1.77 13.92
N THR A 196 -4.14 -0.88 13.29
CA THR A 196 -3.68 -0.01 12.22
C THR A 196 -3.82 1.47 12.58
N CYS A 197 -3.69 1.79 13.85
CA CYS A 197 -3.78 3.16 14.30
C CYS A 197 -2.78 4.08 13.58
N HIS A 198 -1.60 3.57 13.20
CA HIS A 198 -0.62 4.40 12.50
C HIS A 198 -1.11 4.84 11.13
N LEU A 199 -2.08 4.14 10.55
CA LEU A 199 -2.63 4.54 9.25
C LEU A 199 -3.84 5.50 9.33
N LEU A 200 -4.22 5.96 10.51
CA LEU A 200 -5.38 6.85 10.65
C LEU A 200 -5.23 8.10 9.79
N VAL A 201 -4.01 8.65 9.74
CA VAL A 201 -3.73 9.84 8.96
C VAL A 201 -4.14 9.73 7.50
N LEU A 202 -4.14 8.52 6.94
CA LEU A 202 -4.49 8.33 5.54
C LEU A 202 -5.99 8.35 5.24
N ASP A 203 -6.85 8.24 6.24
CA ASP A 203 -8.29 8.09 5.99
C ASP A 203 -8.95 9.39 5.50
N MET B 1 -21.81 -7.99 4.93
CA MET B 1 -22.25 -8.85 6.05
C MET B 1 -22.71 -8.00 7.22
N LYS B 2 -22.78 -8.61 8.42
CA LYS B 2 -23.07 -7.89 9.66
C LYS B 2 -21.77 -7.55 10.39
N LYS B 3 -21.59 -6.28 10.72
CA LYS B 3 -20.49 -5.83 11.57
C LYS B 3 -20.94 -5.63 13.01
N ILE B 4 -20.26 -6.31 13.93
CA ILE B 4 -20.53 -6.25 15.37
C ILE B 4 -19.29 -5.68 16.05
N TYR B 5 -19.38 -4.45 16.50
CA TYR B 5 -18.29 -3.81 17.23
C TYR B 5 -18.47 -4.05 18.72
N LEU B 6 -17.66 -4.95 19.28
CA LEU B 6 -17.63 -5.11 20.72
C LEU B 6 -16.80 -4.00 21.33
N ILE B 7 -17.32 -3.39 22.40
CA ILE B 7 -16.67 -2.26 23.06
C ILE B 7 -16.66 -2.48 24.56
N ARG B 8 -15.49 -2.63 25.15
CA ARG B 8 -15.42 -2.68 26.61
C ARG B 8 -15.73 -1.30 27.16
N HIS B 9 -16.47 -1.23 28.27
CA HIS B 9 -16.89 0.04 28.85
C HIS B 9 -15.65 0.86 29.26
N ALA B 10 -15.89 2.16 29.46
CA ALA B 10 -14.82 3.06 29.90
C ALA B 10 -14.45 2.79 31.36
N GLN B 11 -13.37 3.46 31.80
CA GLN B 11 -12.77 3.21 33.10
C GLN B 11 -13.75 3.52 34.24
N SER B 12 -13.91 2.58 35.17
CA SER B 12 -14.76 2.80 36.33
C SER B 12 -13.89 3.00 37.56
N GLU B 13 -14.50 3.47 38.66
CA GLU B 13 -13.71 3.77 39.88
C GLU B 13 -13.01 2.53 40.39
N TYR B 14 -13.71 1.39 40.38
CA TYR B 14 -13.05 0.17 40.81
C TYR B 14 -11.96 -0.30 39.84
N ASN B 15 -12.10 -0.08 38.51
CA ASN B 15 -10.97 -0.39 37.62
C ASN B 15 -9.74 0.44 38.03
N GLU B 16 -9.92 1.75 38.18
CA GLU B 16 -8.80 2.61 38.52
C GLU B 16 -8.08 2.13 39.78
N LYS B 17 -8.85 1.68 40.76
CA LYS B 17 -8.29 1.20 42.02
C LYS B 17 -7.83 -0.25 41.95
N GLY B 18 -7.93 -0.91 40.80
CA GLY B 18 -7.49 -2.29 40.72
C GLY B 18 -8.32 -3.26 41.53
N ILE B 19 -9.61 -2.99 41.74
CA ILE B 19 -10.48 -3.86 42.56
C ILE B 19 -11.31 -4.80 41.68
N PHE B 20 -11.34 -6.09 41.99
CA PHE B 20 -12.21 -7.09 41.30
C PHE B 20 -13.62 -6.55 41.46
N GLN B 21 -14.41 -6.41 40.41
CA GLN B 21 -15.72 -5.73 40.52
C GLN B 21 -16.88 -6.72 40.33
N GLY B 22 -17.02 -7.31 39.15
CA GLY B 22 -18.12 -8.21 38.88
C GLY B 22 -19.48 -7.50 38.96
N ARG B 23 -20.35 -7.98 39.87
CA ARG B 23 -21.67 -7.38 40.04
C ARG B 23 -21.64 -6.02 40.76
N LEU B 24 -20.55 -5.67 41.42
CA LEU B 24 -20.45 -4.32 41.95
C LEU B 24 -20.57 -3.32 40.82
N ASP B 25 -20.91 -2.07 41.16
CA ASP B 25 -21.49 -1.15 40.17
C ASP B 25 -20.96 0.26 40.34
N SER B 26 -19.62 0.42 40.30
CA SER B 26 -19.03 1.74 40.51
C SER B 26 -19.26 2.59 39.28
N ASP B 27 -19.08 3.90 39.44
CA ASP B 27 -19.31 4.94 38.45
C ASP B 27 -18.10 5.01 37.53
N LEU B 28 -18.28 5.64 36.37
CA LEU B 28 -17.14 6.00 35.55
C LEU B 28 -16.32 7.05 36.29
N THR B 29 -15.00 7.01 36.06
CA THR B 29 -14.12 8.07 36.55
C THR B 29 -14.24 9.25 35.60
N PRO B 30 -13.69 10.42 35.98
CA PRO B 30 -13.56 11.51 35.00
C PRO B 30 -12.80 11.09 33.74
N LEU B 31 -11.80 10.23 33.88
CA LEU B 31 -11.14 9.70 32.68
C LEU B 31 -12.10 8.83 31.89
N GLY B 32 -12.93 8.02 32.57
CA GLY B 32 -13.86 7.19 31.85
C GLY B 32 -14.79 8.01 30.96
N PHE B 33 -15.29 9.14 31.47
CA PHE B 33 -16.14 10.01 30.67
C PHE B 33 -15.38 10.56 29.47
N VAL B 34 -14.12 10.94 29.68
CA VAL B 34 -13.30 11.41 28.55
C VAL B 34 -13.15 10.31 27.49
N GLN B 35 -12.81 9.09 27.93
CA GLN B 35 -12.63 7.98 27.00
C GLN B 35 -13.89 7.74 26.20
N SER B 36 -15.06 7.82 26.86
CA SER B 36 -16.32 7.65 26.18
C SER B 36 -16.53 8.72 25.11
N ARG B 37 -16.19 9.96 25.42
CA ARG B 37 -16.38 11.00 24.41
C ARG B 37 -15.46 10.77 23.20
N LEU B 38 -14.20 10.38 23.45
CA LEU B 38 -13.27 10.10 22.36
C LEU B 38 -13.72 8.91 21.52
N LEU B 39 -14.34 7.94 22.15
CA LEU B 39 -14.83 6.78 21.43
C LEU B 39 -15.76 7.17 20.30
N VAL B 40 -16.45 8.30 20.44
CA VAL B 40 -17.39 8.73 19.40
C VAL B 40 -16.70 8.83 18.05
N LYS B 41 -15.46 9.33 18.04
CA LYS B 41 -14.73 9.56 16.79
C LYS B 41 -14.72 8.30 15.91
N GLN B 42 -14.52 7.14 16.52
CA GLN B 42 -14.43 5.92 15.73
C GLN B 42 -15.70 5.59 14.95
N PHE B 43 -16.81 6.30 15.18
CA PHE B 43 -18.10 5.90 14.63
C PHE B 43 -18.88 7.02 13.95
N GLU B 44 -18.28 8.19 13.77
CA GLU B 44 -19.03 9.28 13.15
C GLU B 44 -19.31 9.01 11.68
N ARG B 45 -18.38 8.36 10.98
CA ARG B 45 -18.58 8.17 9.55
C ARG B 45 -19.44 6.96 9.25
N GLU B 46 -19.21 5.83 9.92
CA GLU B 46 -20.08 4.66 9.78
C GLU B 46 -20.82 4.45 11.11
N LYS B 47 -22.02 5.00 11.21
CA LYS B 47 -22.75 4.96 12.46
C LYS B 47 -23.34 3.56 12.72
N PRO B 48 -23.17 2.99 13.91
CA PRO B 48 -23.93 1.77 14.21
C PRO B 48 -25.43 2.07 14.14
N GLU B 49 -26.23 1.07 13.79
CA GLU B 49 -27.68 1.21 13.76
C GLU B 49 -28.34 0.91 15.09
N VAL B 50 -27.63 0.28 16.02
CA VAL B 50 -28.12 0.03 17.37
C VAL B 50 -26.90 -0.12 18.27
N ILE B 51 -27.03 0.35 19.51
CA ILE B 51 -26.08 0.08 20.58
C ILE B 51 -26.75 -0.77 21.64
N ILE B 52 -26.15 -1.90 21.97
CA ILE B 52 -26.67 -2.79 23.01
C ILE B 52 -25.69 -2.76 24.17
N THR B 53 -26.20 -2.53 25.38
CA THR B 53 -25.33 -2.37 26.55
C THR B 53 -25.73 -3.18 27.78
N SER B 54 -24.72 -3.61 28.51
CA SER B 54 -24.88 -4.10 29.88
C SER B 54 -25.66 -3.06 30.65
N PRO B 55 -26.54 -3.46 31.60
CA PRO B 55 -27.21 -2.46 32.44
C PRO B 55 -26.28 -1.86 33.49
N GLN B 56 -25.16 -2.51 33.82
CA GLN B 56 -24.26 -1.93 34.82
C GLN B 56 -23.81 -0.55 34.40
N ARG B 57 -23.72 0.35 35.38
CA ARG B 57 -23.56 1.77 35.12
C ARG B 57 -22.27 2.08 34.32
N ARG B 58 -21.18 1.41 34.62
CA ARG B 58 -19.96 1.70 33.85
C ARG B 58 -20.19 1.46 32.36
N ALA B 59 -20.96 0.43 32.00
CA ALA B 59 -21.27 0.14 30.62
C ALA B 59 -22.35 1.05 30.06
N TYR B 60 -23.46 1.19 30.79
CA TYR B 60 -24.54 2.05 30.32
C TYR B 60 -24.07 3.47 30.05
N LYS B 61 -23.31 4.06 30.96
CA LYS B 61 -22.90 5.43 30.70
C LYS B 61 -21.91 5.58 29.52
N THR B 62 -21.11 4.54 29.26
CA THR B 62 -20.29 4.57 28.05
C THR B 62 -21.17 4.55 26.80
N ALA B 63 -22.09 3.55 26.71
CA ALA B 63 -23.07 3.48 25.63
C ALA B 63 -23.85 4.77 25.46
N LEU B 64 -24.26 5.39 26.56
CA LEU B 64 -25.10 6.59 26.47
C LEU B 64 -24.38 7.75 25.81
N THR B 65 -23.07 7.88 26.05
CA THR B 65 -22.32 8.94 25.39
C THR B 65 -22.38 8.75 23.88
N LEU B 66 -22.21 7.51 23.41
CA LEU B 66 -22.33 7.25 21.99
C LEU B 66 -23.78 7.47 21.49
N SER B 67 -24.75 6.88 22.19
CA SER B 67 -26.15 6.98 21.78
C SER B 67 -26.56 8.43 21.63
N ASP B 68 -26.15 9.25 22.58
CA ASP B 68 -26.58 10.63 22.64
C ASP B 68 -25.82 11.50 21.64
N VAL B 69 -24.51 11.32 21.51
CA VAL B 69 -23.79 12.21 20.61
C VAL B 69 -24.10 11.84 19.14
N LEU B 70 -24.30 10.57 18.83
CA LEU B 70 -24.55 10.17 17.45
C LEU B 70 -26.03 9.94 17.12
N GLY B 71 -26.92 9.94 18.10
CA GLY B 71 -28.33 9.74 17.80
C GLY B 71 -28.62 8.31 17.43
N ILE B 72 -28.36 7.37 18.33
CA ILE B 72 -28.49 5.97 18.01
C ILE B 72 -29.30 5.30 19.10
N ASP B 73 -30.28 4.51 18.70
CA ASP B 73 -31.06 3.72 19.63
C ASP B 73 -30.17 2.91 20.57
N LEU B 74 -30.51 2.94 21.86
CA LEU B 74 -29.83 2.17 22.90
C LEU B 74 -30.73 1.13 23.53
N ILE B 75 -30.26 -0.11 23.52
CA ILE B 75 -30.95 -1.23 24.13
C ILE B 75 -30.10 -1.77 25.28
N VAL B 76 -30.76 -2.04 26.42
CA VAL B 76 -30.12 -2.66 27.57
C VAL B 76 -30.37 -4.14 27.54
N ASP B 77 -29.35 -4.94 27.85
CA ASP B 77 -29.51 -6.39 27.84
C ASP B 77 -28.75 -6.99 29.02
N GLU B 78 -29.51 -7.51 29.98
CA GLU B 78 -28.95 -8.06 31.20
C GLU B 78 -28.07 -9.26 30.92
N ARG B 79 -28.20 -9.88 29.75
CA ARG B 79 -27.42 -11.07 29.50
C ARG B 79 -25.93 -10.77 29.36
N ILE B 80 -25.54 -9.54 29.11
CA ILE B 80 -24.09 -9.19 29.02
C ILE B 80 -23.58 -8.43 30.25
N ARG B 81 -24.29 -8.52 31.38
CA ARG B 81 -23.73 -8.01 32.64
C ARG B 81 -22.53 -8.84 33.02
N GLU B 82 -21.61 -8.25 33.80
CA GLU B 82 -20.36 -8.95 34.06
C GLU B 82 -20.63 -10.22 34.85
N MET B 83 -19.72 -11.17 34.67
CA MET B 83 -19.66 -12.36 35.51
C MET B 83 -19.58 -11.98 36.98
N SER B 84 -20.32 -12.70 37.81
CA SER B 84 -20.24 -12.49 39.25
C SER B 84 -19.06 -13.25 39.82
N PHE B 85 -18.37 -12.62 40.76
CA PHE B 85 -17.23 -13.24 41.44
C PHE B 85 -17.51 -13.52 42.91
N GLY B 86 -18.75 -13.42 43.32
CA GLY B 86 -19.14 -13.87 44.65
C GLY B 86 -18.33 -13.20 45.75
N VAL B 87 -17.71 -14.02 46.60
CA VAL B 87 -17.04 -13.48 47.78
C VAL B 87 -15.74 -12.77 47.48
N LEU B 88 -15.30 -12.77 46.22
CA LEU B 88 -14.09 -12.06 45.85
C LEU B 88 -14.35 -10.66 45.33
N GLU B 89 -15.62 -10.30 45.07
CA GLU B 89 -15.90 -8.94 44.62
C GLU B 89 -15.47 -7.94 45.68
N GLY B 90 -14.95 -6.82 45.25
CA GLY B 90 -14.57 -5.74 46.13
C GLY B 90 -13.15 -5.86 46.67
N ARG B 91 -12.44 -6.90 46.31
CA ARG B 91 -11.07 -7.09 46.77
C ARG B 91 -10.06 -6.57 45.77
N HIS B 92 -8.96 -6.06 46.30
CA HIS B 92 -7.84 -5.66 45.47
C HIS B 92 -7.26 -6.87 44.75
N PHE B 93 -7.17 -6.78 43.44
CA PHE B 93 -6.86 -7.97 42.67
C PHE B 93 -5.44 -8.47 42.91
N TRP B 94 -4.45 -7.56 42.95
CA TRP B 94 -3.06 -8.03 43.08
C TRP B 94 -2.76 -8.46 44.51
N THR B 95 -3.43 -7.87 45.50
CA THR B 95 -3.38 -8.42 46.85
C THR B 95 -3.95 -9.84 46.88
N MET B 96 -5.04 -10.07 46.16
CA MET B 96 -5.62 -11.40 46.13
C MET B 96 -4.74 -12.38 45.37
N PHE B 97 -4.00 -11.90 44.37
CA PHE B 97 -3.14 -12.81 43.64
C PHE B 97 -1.93 -13.23 44.48
N GLU B 98 -1.41 -12.32 45.32
CA GLU B 98 -0.27 -12.67 46.16
C GLU B 98 -0.66 -13.73 47.18
N GLU B 99 -1.88 -13.63 47.72
CA GLU B 99 -2.35 -14.61 48.68
C GLU B 99 -2.87 -15.89 48.04
N ASN B 100 -3.08 -15.94 46.73
CA ASN B 100 -3.69 -17.12 46.11
C ASN B 100 -3.13 -17.29 44.69
N LYS B 101 -1.79 -17.31 44.60
CA LYS B 101 -1.14 -17.26 43.28
C LYS B 101 -1.61 -18.38 42.37
N GLU B 102 -1.74 -19.59 42.91
CA GLU B 102 -2.08 -20.74 42.08
C GLU B 102 -3.53 -20.71 41.68
N MET B 103 -4.42 -20.25 42.58
CA MET B 103 -5.83 -20.14 42.25
C MET B 103 -6.03 -19.20 41.06
N ILE B 104 -5.43 -18.01 41.13
CA ILE B 104 -5.55 -17.03 40.06
C ILE B 104 -4.88 -17.54 38.78
N ILE B 105 -3.69 -18.11 38.89
CA ILE B 105 -3.02 -18.54 37.67
C ILE B 105 -3.82 -19.64 36.99
N ASN B 106 -4.35 -20.58 37.76
CA ASN B 106 -5.16 -21.65 37.18
C ASN B 106 -6.42 -21.10 36.52
N TRP B 107 -7.04 -20.11 37.16
CA TRP B 107 -8.26 -19.52 36.63
C TRP B 107 -8.01 -18.80 35.30
N LEU B 108 -6.89 -18.08 35.21
CA LEU B 108 -6.58 -17.41 33.95
C LEU B 108 -6.22 -18.38 32.85
N LYS B 109 -5.58 -19.51 33.20
CA LYS B 109 -5.20 -20.50 32.19
C LYS B 109 -6.42 -21.24 31.66
N ASP B 110 -7.40 -21.54 32.51
CA ASP B 110 -8.60 -22.24 32.08
C ASP B 110 -9.72 -22.00 33.10
N PRO B 111 -10.57 -20.98 32.92
CA PRO B 111 -11.58 -20.69 33.97
C PRO B 111 -12.71 -21.66 33.97
N VAL B 112 -12.79 -22.54 32.97
CA VAL B 112 -13.84 -23.55 32.95
C VAL B 112 -13.46 -24.69 33.88
N LYS B 113 -12.22 -25.18 33.77
CA LYS B 113 -11.76 -26.24 34.63
C LYS B 113 -11.37 -25.76 36.01
N TYR B 114 -11.01 -24.48 36.17
CA TYR B 114 -10.57 -23.97 37.46
C TYR B 114 -11.32 -22.70 37.85
N PRO B 115 -12.64 -22.76 37.97
CA PRO B 115 -13.38 -21.55 38.36
C PRO B 115 -12.93 -21.05 39.72
N LEU B 116 -13.20 -19.78 39.98
CA LEU B 116 -12.90 -19.23 41.28
C LEU B 116 -13.97 -19.66 42.29
N PRO B 117 -13.62 -19.70 43.57
CA PRO B 117 -14.60 -20.03 44.60
C PRO B 117 -15.72 -19.01 44.64
N THR B 118 -16.95 -19.53 44.59
CA THR B 118 -18.21 -18.76 44.66
C THR B 118 -18.50 -17.92 43.42
N GLN B 119 -17.69 -18.05 42.37
CA GLN B 119 -18.01 -17.31 41.15
C GLN B 119 -19.29 -17.86 40.52
N GLU B 120 -19.90 -17.03 39.67
CA GLU B 120 -21.03 -17.48 38.89
C GLU B 120 -20.75 -18.82 38.22
N ASP B 121 -21.77 -19.69 38.19
CA ASP B 121 -21.62 -20.99 37.56
C ASP B 121 -21.23 -20.82 36.09
N ILE B 122 -20.12 -21.44 35.70
CA ILE B 122 -19.57 -21.17 34.36
C ILE B 122 -20.52 -21.67 33.27
N LYS B 123 -21.27 -22.75 33.53
CA LYS B 123 -22.24 -23.20 32.53
C LYS B 123 -23.41 -22.24 32.41
N GLU B 124 -23.82 -21.65 33.53
CA GLU B 124 -24.89 -20.65 33.46
C GLU B 124 -24.40 -19.40 32.74
N PHE B 125 -23.17 -18.99 33.03
CA PHE B 125 -22.57 -17.87 32.32
C PHE B 125 -22.53 -18.16 30.82
N GLU B 126 -22.02 -19.34 30.44
CA GLU B 126 -21.97 -19.66 29.02
C GLU B 126 -23.36 -19.62 28.41
N LYS B 127 -24.38 -20.13 29.11
CA LYS B 127 -25.71 -20.16 28.53
C LYS B 127 -26.21 -18.77 28.20
N ARG B 128 -26.05 -17.80 29.12
CA ARG B 128 -26.63 -16.48 28.87
C ARG B 128 -25.89 -15.76 27.74
N ILE B 129 -24.56 -15.90 27.63
CA ILE B 129 -23.92 -15.16 26.55
C ILE B 129 -24.16 -15.87 25.19
N LYS B 130 -24.27 -17.19 25.21
CA LYS B 130 -24.61 -17.92 23.99
C LYS B 130 -25.96 -17.49 23.45
N GLU B 131 -26.96 -17.34 24.32
CA GLU B 131 -28.26 -16.87 23.86
C GLU B 131 -28.19 -15.47 23.30
N PHE B 132 -27.44 -14.59 23.98
CA PHE B 132 -27.25 -13.24 23.44
C PHE B 132 -26.65 -13.31 22.04
N LEU B 133 -25.63 -14.16 21.86
CA LEU B 133 -24.96 -14.23 20.55
C LEU B 133 -25.93 -14.75 19.50
N GLU B 134 -26.70 -15.80 19.84
CA GLU B 134 -27.71 -16.29 18.89
C GLU B 134 -28.65 -15.17 18.47
N ASP B 135 -29.07 -14.34 19.43
CA ASP B 135 -29.95 -13.22 19.09
C ASP B 135 -29.25 -12.21 18.20
N LEU B 136 -27.96 -11.97 18.43
CA LEU B 136 -27.22 -11.06 17.54
C LEU B 136 -27.24 -11.55 16.10
N LYS B 137 -27.03 -12.86 15.91
CA LYS B 137 -27.06 -13.45 14.58
C LYS B 137 -28.34 -13.11 13.84
N SER B 138 -29.45 -13.07 14.57
CA SER B 138 -30.76 -12.87 13.98
C SER B 138 -31.14 -11.42 13.80
N ARG B 139 -30.40 -10.48 14.40
CA ARG B 139 -30.83 -9.10 14.32
C ARG B 139 -30.76 -8.60 12.89
N LYS B 140 -31.53 -7.56 12.62
CA LYS B 140 -31.68 -7.08 11.26
C LYS B 140 -30.65 -6.03 10.90
N GLU B 141 -30.02 -5.40 11.88
CA GLU B 141 -29.05 -4.35 11.59
C GLU B 141 -27.84 -4.92 10.86
N LYS B 142 -27.25 -4.09 10.01
CA LYS B 142 -25.99 -4.41 9.34
C LYS B 142 -24.76 -4.00 10.15
N VAL B 143 -24.89 -3.00 11.03
CA VAL B 143 -23.79 -2.49 11.85
C VAL B 143 -24.35 -2.27 13.26
N LEU B 144 -23.83 -3.00 14.26
CA LEU B 144 -24.23 -2.88 15.66
C LEU B 144 -23.01 -2.67 16.56
N ALA B 145 -23.20 -1.97 17.68
CA ALA B 145 -22.21 -1.88 18.76
C ALA B 145 -22.75 -2.56 20.02
N VAL B 146 -21.88 -3.29 20.68
CA VAL B 146 -22.17 -3.97 21.94
C VAL B 146 -21.20 -3.44 23.00
N VAL B 147 -21.72 -2.68 23.97
CA VAL B 147 -20.91 -2.22 25.12
C VAL B 147 -21.06 -3.19 26.27
N GLY B 148 -19.96 -3.82 26.64
CA GLY B 148 -19.95 -4.82 27.68
C GLY B 148 -18.72 -4.82 28.54
N HIS B 149 -18.46 -5.96 29.18
CA HIS B 149 -17.46 -6.11 30.21
C HIS B 149 -16.42 -7.09 29.71
N GLY B 150 -15.24 -7.03 30.33
CA GLY B 150 -14.22 -8.02 30.05
C GLY B 150 -14.72 -9.45 29.92
N GLY B 151 -15.34 -9.97 30.97
CA GLY B 151 -15.75 -11.36 30.92
C GLY B 151 -16.73 -11.66 29.80
N THR B 152 -17.76 -10.84 29.66
CA THR B 152 -18.78 -11.15 28.69
C THR B 152 -18.31 -10.89 27.27
N LEU B 153 -17.46 -9.89 27.04
CA LEU B 153 -17.04 -9.65 25.66
C LEU B 153 -15.97 -10.66 25.25
N HIS B 154 -15.06 -11.03 26.16
CA HIS B 154 -14.12 -12.09 25.82
C HIS B 154 -14.85 -13.40 25.58
N GLY B 155 -15.83 -13.71 26.45
CA GLY B 155 -16.63 -14.91 26.26
C GLY B 155 -17.36 -14.94 24.94
N LEU B 156 -18.00 -13.83 24.56
CA LEU B 156 -18.67 -13.75 23.26
C LEU B 156 -17.70 -14.08 22.11
N LEU B 157 -16.51 -13.48 22.13
CA LEU B 157 -15.53 -13.76 21.09
C LEU B 157 -15.18 -15.24 21.06
N CYS B 158 -14.90 -15.82 22.23
CA CYS B 158 -14.53 -17.23 22.28
C CYS B 158 -15.63 -18.09 21.67
N LEU B 159 -16.90 -17.77 21.96
CA LEU B 159 -17.98 -18.60 21.41
C LEU B 159 -18.14 -18.35 19.91
N ALA B 160 -18.05 -17.09 19.47
CA ALA B 160 -18.23 -16.78 18.06
C ALA B 160 -17.20 -17.51 17.20
N LEU B 161 -15.96 -17.61 17.70
CA LEU B 161 -14.89 -18.28 16.96
C LEU B 161 -14.81 -19.77 17.23
N GLY B 162 -15.59 -20.26 18.19
CA GLY B 162 -15.60 -21.68 18.52
C GLY B 162 -14.35 -22.16 19.20
N ILE B 163 -13.71 -21.32 20.00
CA ILE B 163 -12.53 -21.77 20.70
C ILE B 163 -12.79 -22.08 22.18
N GLY B 164 -13.99 -21.83 22.68
CA GLY B 164 -14.32 -22.25 24.05
C GLY B 164 -13.93 -21.22 25.10
N LEU B 165 -14.71 -21.20 26.19
CA LEU B 165 -14.43 -20.23 27.24
C LEU B 165 -13.15 -20.55 27.99
N GLU B 166 -12.57 -21.73 27.78
CA GLU B 166 -11.25 -22.02 28.32
C GLU B 166 -10.26 -20.92 27.94
N LYS B 167 -10.50 -20.22 26.84
CA LYS B 167 -9.56 -19.26 26.30
C LYS B 167 -9.91 -17.81 26.66
N MET B 168 -10.92 -17.59 27.49
CA MET B 168 -11.44 -16.23 27.60
C MET B 168 -10.46 -15.26 28.23
N TRP B 169 -9.48 -15.73 29.00
CA TRP B 169 -8.47 -14.85 29.56
C TRP B 169 -7.11 -14.99 28.84
N HIS B 170 -7.12 -15.50 27.62
CA HIS B 170 -5.96 -15.49 26.74
C HIS B 170 -5.95 -14.24 25.86
N ILE B 171 -6.96 -13.38 25.99
CA ILE B 171 -7.13 -12.17 25.19
C ILE B 171 -7.42 -11.03 26.14
N HIS B 172 -7.20 -9.81 25.67
CA HIS B 172 -7.35 -8.64 26.51
C HIS B 172 -8.12 -7.57 25.80
N MET B 173 -8.83 -6.76 26.58
CA MET B 173 -9.48 -5.55 26.08
C MET B 173 -9.28 -4.46 27.12
N ASP B 174 -8.77 -3.29 26.70
CA ASP B 174 -8.66 -2.16 27.58
C ASP B 174 -10.00 -1.41 27.61
N ASN B 175 -10.07 -0.42 28.49
CA ASN B 175 -11.28 0.40 28.61
C ASN B 175 -11.54 1.17 27.31
N THR B 176 -12.76 1.02 26.78
CA THR B 176 -13.22 1.53 25.46
C THR B 176 -12.47 0.90 24.29
N GLY B 177 -11.81 -0.23 24.54
CA GLY B 177 -11.22 -0.99 23.45
C GLY B 177 -12.27 -1.61 22.56
N ILE B 178 -12.08 -1.49 21.23
CA ILE B 178 -13.05 -1.96 20.23
C ILE B 178 -12.50 -3.22 19.56
N SER B 179 -13.36 -4.20 19.37
CA SER B 179 -13.03 -5.42 18.63
C SER B 179 -14.16 -5.69 17.66
N LEU B 180 -13.82 -5.73 16.37
CA LEU B 180 -14.80 -5.89 15.31
C LEU B 180 -14.93 -7.36 14.95
N LEU B 181 -16.15 -7.86 15.10
CA LEU B 181 -16.54 -9.21 14.76
C LEU B 181 -17.51 -9.15 13.59
N GLU B 182 -17.20 -9.86 12.52
CA GLU B 182 -18.09 -9.90 11.37
C GLU B 182 -18.73 -11.27 11.25
N TYR B 183 -19.96 -11.27 10.75
CA TYR B 183 -20.80 -12.46 10.68
C TYR B 183 -21.44 -12.49 9.31
N ASP B 184 -21.29 -13.61 8.59
CA ASP B 184 -21.72 -13.69 7.19
C ASP B 184 -23.00 -14.50 6.98
N GLY B 185 -23.75 -14.79 8.04
CA GLY B 185 -24.90 -15.65 7.97
C GLY B 185 -24.62 -17.08 8.39
N GLU B 186 -23.38 -17.46 8.45
CA GLU B 186 -23.00 -18.80 8.82
C GLU B 186 -21.90 -18.84 9.87
N ARG B 187 -20.90 -17.98 9.76
CA ARG B 187 -19.76 -18.07 10.66
C ARG B 187 -19.25 -16.66 10.92
N PHE B 188 -18.32 -16.58 11.87
CA PHE B 188 -17.79 -15.33 12.36
C PHE B 188 -16.34 -15.15 11.92
N TYR B 189 -15.92 -13.90 11.83
CA TYR B 189 -14.55 -13.52 11.50
C TYR B 189 -14.13 -12.38 12.41
N LEU B 190 -13.00 -12.55 13.12
CA LEU B 190 -12.49 -11.50 14.01
C LEU B 190 -11.57 -10.60 13.21
N LYS B 191 -11.98 -9.35 13.03
CA LYS B 191 -11.20 -8.42 12.25
C LYS B 191 -10.26 -7.56 13.07
N SER B 192 -10.50 -7.42 14.36
CA SER B 192 -9.60 -6.64 15.20
C SER B 192 -9.93 -6.98 16.64
N LEU B 193 -8.95 -6.72 17.51
CA LEU B 193 -9.12 -6.88 18.95
C LEU B 193 -8.42 -5.74 19.64
N ASN B 194 -9.17 -5.10 20.55
CA ASN B 194 -8.66 -4.10 21.48
C ASN B 194 -8.03 -2.90 20.76
N ASP B 195 -8.76 -2.36 19.81
CA ASP B 195 -8.41 -1.08 19.19
C ASP B 195 -8.75 0.09 20.10
N THR B 196 -7.70 0.85 20.52
CA THR B 196 -7.83 2.07 21.32
C THR B 196 -7.21 3.27 20.59
N CYS B 197 -7.25 3.23 19.28
CA CYS B 197 -6.77 4.36 18.49
C CYS B 197 -7.30 5.71 18.96
N HIS B 198 -8.57 5.75 19.35
CA HIS B 198 -9.20 7.02 19.71
C HIS B 198 -8.61 7.64 20.97
N LEU B 199 -7.88 6.87 21.77
CA LEU B 199 -7.27 7.37 22.99
C LEU B 199 -5.82 7.87 22.82
N LEU B 200 -5.27 7.77 21.62
CA LEU B 200 -3.87 8.15 21.40
C LEU B 200 -3.61 9.58 21.88
N VAL B 201 -4.58 10.46 21.67
CA VAL B 201 -4.39 11.86 22.07
C VAL B 201 -4.14 12.03 23.56
N LEU B 202 -4.48 11.04 24.39
CA LEU B 202 -4.20 11.15 25.81
C LEU B 202 -2.78 10.76 26.18
N ASP B 203 -1.98 10.26 25.24
CA ASP B 203 -0.59 9.87 25.54
C ASP B 203 0.27 11.10 25.83
N MET C 1 13.48 9.35 -45.83
CA MET C 1 12.83 8.21 -45.12
C MET C 1 12.84 8.52 -43.60
N LYS C 2 11.75 8.18 -42.91
CA LYS C 2 11.77 8.16 -41.45
C LYS C 2 12.12 6.76 -40.95
N LYS C 3 13.15 6.66 -40.10
CA LYS C 3 13.53 5.38 -39.48
C LYS C 3 12.89 5.28 -38.09
N ILE C 4 12.08 4.26 -37.90
CA ILE C 4 11.40 3.99 -36.63
C ILE C 4 11.94 2.68 -36.06
N TYR C 5 12.80 2.77 -35.07
CA TYR C 5 13.28 1.56 -34.39
C TYR C 5 12.33 1.18 -33.26
N LEU C 6 11.64 0.06 -33.44
CA LEU C 6 10.86 -0.52 -32.37
C LEU C 6 11.77 -1.39 -31.50
N ILE C 7 11.61 -1.27 -30.18
CA ILE C 7 12.49 -1.97 -29.23
C ILE C 7 11.63 -2.53 -28.14
N ARG C 8 11.59 -3.87 -28.03
CA ARG C 8 10.94 -4.49 -26.90
C ARG C 8 11.79 -4.25 -25.65
N HIS C 9 11.12 -3.95 -24.54
CA HIS C 9 11.85 -3.62 -23.32
C HIS C 9 12.69 -4.83 -22.86
N ALA C 10 13.59 -4.56 -21.91
CA ALA C 10 14.45 -5.60 -21.36
C ALA C 10 13.68 -6.49 -20.40
N GLN C 11 14.34 -7.56 -19.95
CA GLN C 11 13.71 -8.59 -19.15
C GLN C 11 13.13 -8.03 -17.83
N SER C 12 11.89 -8.39 -17.54
CA SER C 12 11.26 -8.01 -16.28
C SER C 12 11.26 -9.20 -15.33
N GLU C 13 11.08 -8.88 -14.03
CA GLU C 13 10.99 -9.91 -13.01
C GLU C 13 9.90 -10.91 -13.30
N TYR C 14 8.68 -10.45 -13.61
CA TYR C 14 7.62 -11.42 -13.81
C TYR C 14 7.87 -12.28 -15.07
N ASN C 15 8.41 -11.69 -16.13
CA ASN C 15 8.69 -12.52 -17.30
C ASN C 15 9.74 -13.60 -16.97
N GLU C 16 10.75 -13.25 -16.17
CA GLU C 16 11.75 -14.24 -15.77
C GLU C 16 11.09 -15.42 -15.09
N LYS C 17 10.02 -15.15 -14.34
CA LYS C 17 9.31 -16.16 -13.58
C LYS C 17 8.23 -16.82 -14.40
N GLY C 18 8.04 -16.42 -15.66
CA GLY C 18 6.98 -17.03 -16.46
C GLY C 18 5.58 -16.52 -16.16
N ILE C 19 5.46 -15.31 -15.61
CA ILE C 19 4.17 -14.77 -15.18
C ILE C 19 3.59 -13.93 -16.32
N PHE C 20 2.31 -14.17 -16.63
CA PHE C 20 1.51 -13.38 -17.59
C PHE C 20 1.22 -12.01 -17.01
N GLN C 21 1.81 -10.96 -17.57
CA GLN C 21 1.97 -9.69 -16.89
C GLN C 21 0.93 -8.63 -17.30
N GLY C 22 0.81 -8.34 -18.58
CA GLY C 22 -0.13 -7.33 -19.04
C GLY C 22 0.07 -6.00 -18.35
N ARG C 23 -0.99 -5.50 -17.68
CA ARG C 23 -0.86 -4.18 -17.05
C ARG C 23 -0.15 -4.22 -15.68
N LEU C 24 0.17 -5.37 -15.14
CA LEU C 24 1.04 -5.42 -13.96
C LEU C 24 2.42 -4.80 -14.28
N ASP C 25 3.12 -4.36 -13.24
CA ASP C 25 4.22 -3.41 -13.42
C ASP C 25 5.49 -3.83 -12.67
N SER C 26 6.02 -5.02 -13.01
CA SER C 26 7.23 -5.50 -12.35
C SER C 26 8.47 -4.78 -12.88
N ASP C 27 9.51 -4.83 -12.07
CA ASP C 27 10.76 -4.16 -12.33
C ASP C 27 11.57 -4.97 -13.36
N LEU C 28 12.56 -4.32 -13.93
CA LEU C 28 13.59 -5.03 -14.68
C LEU C 28 14.40 -5.91 -13.74
N THR C 29 14.86 -7.06 -14.25
CA THR C 29 15.84 -7.88 -13.51
C THR C 29 17.23 -7.27 -13.65
N PRO C 30 18.20 -7.74 -12.85
CA PRO C 30 19.60 -7.37 -13.13
C PRO C 30 20.04 -7.61 -14.58
N LEU C 31 19.63 -8.74 -15.15
CA LEU C 31 19.94 -8.98 -16.56
C LEU C 31 19.26 -7.95 -17.46
N GLY C 32 18.02 -7.55 -17.13
CA GLY C 32 17.36 -6.52 -17.91
C GLY C 32 18.15 -5.22 -17.96
N PHE C 33 18.70 -4.79 -16.81
CA PHE C 33 19.51 -3.60 -16.80
C PHE C 33 20.73 -3.77 -17.70
N VAL C 34 21.34 -4.95 -17.68
CA VAL C 34 22.53 -5.20 -18.52
C VAL C 34 22.14 -5.15 -20.00
N GLN C 35 21.01 -5.79 -20.33
CA GLN C 35 20.54 -5.77 -21.71
C GLN C 35 20.34 -4.34 -22.17
N SER C 36 19.72 -3.50 -21.29
CA SER C 36 19.43 -2.11 -21.68
C SER C 36 20.71 -1.37 -21.98
N ARG C 37 21.74 -1.61 -21.19
CA ARG C 37 22.98 -0.88 -21.41
C ARG C 37 23.70 -1.34 -22.68
N LEU C 38 23.53 -2.61 -23.08
CA LEU C 38 24.15 -3.09 -24.32
C LEU C 38 23.44 -2.51 -25.55
N LEU C 39 22.15 -2.21 -25.43
CA LEU C 39 21.36 -1.67 -26.52
C LEU C 39 21.95 -0.37 -27.00
N VAL C 40 22.69 0.30 -26.14
CA VAL C 40 23.25 1.61 -26.43
C VAL C 40 24.21 1.54 -27.60
N LYS C 41 24.87 0.40 -27.78
CA LYS C 41 25.82 0.24 -28.88
C LYS C 41 25.14 0.37 -30.23
N GLN C 42 23.92 -0.17 -30.38
CA GLN C 42 23.28 -0.10 -31.69
C GLN C 42 23.12 1.34 -32.17
N PHE C 43 23.25 2.33 -31.28
CA PHE C 43 22.78 3.69 -31.58
C PHE C 43 23.77 4.82 -31.31
N GLU C 44 24.99 4.53 -30.87
CA GLU C 44 25.95 5.63 -30.66
C GLU C 44 26.24 6.34 -31.99
N ARG C 45 26.30 5.58 -33.09
CA ARG C 45 26.60 6.17 -34.40
C ARG C 45 25.45 7.03 -34.91
N GLU C 46 24.27 6.43 -35.10
CA GLU C 46 23.08 7.14 -35.58
C GLU C 46 22.11 7.26 -34.40
N LYS C 47 22.31 8.27 -33.58
CA LYS C 47 21.45 8.46 -32.42
C LYS C 47 20.02 8.66 -32.91
N PRO C 48 19.03 8.00 -32.33
CA PRO C 48 17.66 8.49 -32.49
C PRO C 48 17.58 9.90 -31.94
N GLU C 49 16.68 10.68 -32.49
CA GLU C 49 16.50 12.06 -32.07
C GLU C 49 15.57 12.14 -30.88
N VAL C 50 14.78 11.09 -30.65
CA VAL C 50 13.87 11.01 -29.52
C VAL C 50 13.64 9.53 -29.21
N ILE C 51 13.40 9.23 -27.94
CA ILE C 51 12.90 7.91 -27.52
C ILE C 51 11.51 8.08 -26.98
N ILE C 52 10.58 7.27 -27.46
CA ILE C 52 9.21 7.23 -26.99
C ILE C 52 8.95 5.91 -26.30
N THR C 53 8.45 5.95 -25.06
CA THR C 53 8.26 4.75 -24.27
C THR C 53 6.89 4.63 -23.62
N SER C 54 6.47 3.38 -23.46
CA SER C 54 5.36 3.06 -22.59
C SER C 54 5.68 3.50 -21.16
N PRO C 55 4.65 3.86 -20.37
CA PRO C 55 4.89 4.30 -18.97
C PRO C 55 5.25 3.16 -18.01
N GLN C 56 4.98 1.90 -18.36
CA GLN C 56 5.24 0.79 -17.46
C GLN C 56 6.73 0.70 -17.20
N ARG C 57 7.08 0.35 -15.95
CA ARG C 57 8.45 0.49 -15.49
C ARG C 57 9.43 -0.33 -16.35
N ARG C 58 9.07 -1.51 -16.77
CA ARG C 58 9.98 -2.35 -17.56
C ARG C 58 10.36 -1.69 -18.87
N ALA C 59 9.44 -0.93 -19.47
CA ALA C 59 9.75 -0.17 -20.68
C ALA C 59 10.44 1.13 -20.36
N TYR C 60 9.82 1.94 -19.45
CA TYR C 60 10.44 3.20 -19.05
C TYR C 60 11.92 3.03 -18.67
N LYS C 61 12.23 2.06 -17.80
CA LYS C 61 13.62 1.95 -17.36
C LYS C 61 14.56 1.49 -18.47
N THR C 62 14.08 0.68 -19.41
CA THR C 62 14.88 0.35 -20.59
C THR C 62 15.14 1.62 -21.39
N ALA C 63 14.07 2.39 -21.66
CA ALA C 63 14.24 3.65 -22.41
C ALA C 63 15.15 4.64 -21.68
N LEU C 64 15.09 4.66 -20.36
CA LEU C 64 15.87 5.66 -19.62
C LEU C 64 17.36 5.40 -19.72
N THR C 65 17.75 4.14 -19.72
CA THR C 65 19.16 3.80 -19.96
C THR C 65 19.62 4.39 -21.27
N LEU C 66 18.82 4.23 -22.31
CA LEU C 66 19.20 4.76 -23.62
C LEU C 66 19.23 6.29 -23.64
N SER C 67 18.17 6.94 -23.16
CA SER C 67 18.14 8.40 -23.18
C SER C 67 19.25 9.01 -22.34
N ASP C 68 19.54 8.44 -21.17
CA ASP C 68 20.57 9.00 -20.30
C ASP C 68 21.94 8.86 -20.93
N VAL C 69 22.23 7.69 -21.51
CA VAL C 69 23.58 7.47 -22.06
C VAL C 69 23.75 8.24 -23.36
N LEU C 70 22.72 8.31 -24.16
CA LEU C 70 22.84 8.98 -25.44
C LEU C 70 22.50 10.47 -25.39
N GLY C 71 21.99 10.94 -24.26
CA GLY C 71 21.61 12.32 -24.07
C GLY C 71 20.49 12.79 -24.96
N ILE C 72 19.35 12.13 -24.93
CA ILE C 72 18.25 12.50 -25.81
C ILE C 72 16.94 12.38 -25.05
N ASP C 73 15.96 13.16 -25.51
CA ASP C 73 14.70 13.30 -24.79
C ASP C 73 13.99 11.97 -24.69
N LEU C 74 13.38 11.71 -23.53
CA LEU C 74 12.50 10.58 -23.30
C LEU C 74 11.06 11.05 -23.15
N ILE C 75 10.24 10.64 -24.08
CA ILE C 75 8.82 10.93 -24.13
C ILE C 75 8.05 9.71 -23.69
N VAL C 76 7.03 9.92 -22.86
CA VAL C 76 6.16 8.85 -22.40
C VAL C 76 4.82 8.98 -23.08
N ASP C 77 4.31 7.85 -23.55
CA ASP C 77 3.05 7.82 -24.29
C ASP C 77 2.24 6.66 -23.76
N GLU C 78 1.07 6.97 -23.19
CA GLU C 78 0.20 5.97 -22.58
C GLU C 78 -0.34 4.97 -23.58
N ARG C 79 -0.39 5.35 -24.86
CA ARG C 79 -1.09 4.52 -25.85
C ARG C 79 -0.33 3.22 -26.17
N ILE C 80 0.95 3.13 -25.83
CA ILE C 80 1.71 1.90 -26.08
C ILE C 80 1.95 1.12 -24.79
N ARG C 81 1.18 1.42 -23.73
CA ARG C 81 1.19 0.54 -22.57
C ARG C 81 0.65 -0.84 -22.99
N GLU C 82 1.00 -1.87 -22.24
CA GLU C 82 0.72 -3.22 -22.72
C GLU C 82 -0.78 -3.48 -22.76
N MET C 83 -1.17 -4.42 -23.61
CA MET C 83 -2.54 -4.92 -23.60
C MET C 83 -2.90 -5.41 -22.20
N SER C 84 -4.13 -5.11 -21.76
CA SER C 84 -4.63 -5.68 -20.52
C SER C 84 -5.18 -7.09 -20.75
N PHE C 85 -4.91 -8.00 -19.80
CA PHE C 85 -5.50 -9.36 -19.84
C PHE C 85 -6.38 -9.60 -18.60
N GLY C 86 -6.74 -8.52 -17.89
CA GLY C 86 -7.79 -8.61 -16.88
C GLY C 86 -7.44 -9.56 -15.75
N VAL C 87 -8.31 -10.57 -15.55
CA VAL C 87 -8.14 -11.47 -14.41
C VAL C 87 -7.14 -12.59 -14.68
N LEU C 88 -6.68 -12.75 -15.91
CA LEU C 88 -5.58 -13.69 -16.13
C LEU C 88 -4.21 -13.12 -15.76
N GLU C 89 -4.10 -11.79 -15.58
CA GLU C 89 -2.82 -11.22 -15.21
C GLU C 89 -2.37 -11.73 -13.85
N GLY C 90 -1.11 -12.13 -13.75
CA GLY C 90 -0.52 -12.57 -12.50
C GLY C 90 -0.27 -14.05 -12.38
N ARG C 91 -0.83 -14.87 -13.26
CA ARG C 91 -0.61 -16.31 -13.09
C ARG C 91 0.49 -16.82 -14.01
N HIS C 92 0.95 -18.03 -13.72
CA HIS C 92 2.02 -18.66 -14.47
C HIS C 92 1.49 -19.04 -15.84
N PHE C 93 2.15 -18.55 -16.88
CA PHE C 93 1.59 -18.68 -18.22
C PHE C 93 1.50 -20.14 -18.66
N TRP C 94 2.58 -20.91 -18.50
CA TRP C 94 2.56 -22.25 -19.08
C TRP C 94 1.61 -23.18 -18.34
N THR C 95 1.43 -22.99 -17.04
CA THR C 95 0.39 -23.70 -16.30
C THR C 95 -1.00 -23.36 -16.85
N MET C 96 -1.27 -22.06 -17.06
CA MET C 96 -2.53 -21.67 -17.65
C MET C 96 -2.70 -22.34 -19.02
N PHE C 97 -1.61 -22.44 -19.79
CA PHE C 97 -1.69 -23.10 -21.09
C PHE C 97 -2.06 -24.57 -20.96
N GLU C 98 -1.48 -25.27 -19.99
CA GLU C 98 -1.75 -26.70 -19.87
C GLU C 98 -3.20 -26.97 -19.45
N GLU C 99 -3.79 -26.09 -18.65
CA GLU C 99 -5.16 -26.25 -18.20
C GLU C 99 -6.18 -25.74 -19.21
N ASN C 100 -5.73 -25.08 -20.28
CA ASN C 100 -6.63 -24.45 -21.25
C ASN C 100 -5.92 -24.41 -22.61
N LYS C 101 -5.51 -25.56 -23.14
CA LYS C 101 -4.64 -25.56 -24.31
C LYS C 101 -5.34 -24.93 -25.52
N GLU C 102 -6.61 -25.28 -25.74
CA GLU C 102 -7.35 -24.76 -26.88
C GLU C 102 -7.58 -23.26 -26.78
N MET C 103 -7.95 -22.78 -25.59
CA MET C 103 -8.08 -21.33 -25.40
C MET C 103 -6.82 -20.60 -25.87
N ILE C 104 -5.66 -21.07 -25.43
CA ILE C 104 -4.40 -20.34 -25.70
C ILE C 104 -4.00 -20.49 -27.17
N ILE C 105 -4.04 -21.73 -27.67
CA ILE C 105 -3.68 -21.98 -29.07
C ILE C 105 -4.53 -21.13 -30.00
N ASN C 106 -5.81 -20.99 -29.69
CA ASN C 106 -6.71 -20.23 -30.56
C ASN C 106 -6.39 -18.74 -30.48
N TRP C 107 -6.12 -18.26 -29.27
CA TRP C 107 -5.74 -16.86 -29.08
C TRP C 107 -4.46 -16.55 -29.84
N LEU C 108 -3.49 -17.46 -29.79
CA LEU C 108 -2.23 -17.21 -30.47
C LEU C 108 -2.40 -17.23 -31.99
N LYS C 109 -3.37 -18.03 -32.48
CA LYS C 109 -3.66 -18.14 -33.90
C LYS C 109 -4.33 -16.89 -34.42
N ASP C 110 -5.31 -16.36 -33.66
CA ASP C 110 -6.10 -15.20 -34.06
C ASP C 110 -6.67 -14.57 -32.81
N PRO C 111 -5.97 -13.58 -32.21
CA PRO C 111 -6.47 -12.99 -30.96
C PRO C 111 -7.64 -12.03 -31.14
N VAL C 112 -7.98 -11.70 -32.38
CA VAL C 112 -9.16 -10.90 -32.67
C VAL C 112 -10.41 -11.77 -32.64
N LYS C 113 -10.31 -12.97 -33.21
CA LYS C 113 -11.43 -13.91 -33.25
C LYS C 113 -11.56 -14.68 -31.95
N TYR C 114 -10.47 -14.96 -31.25
CA TYR C 114 -10.52 -15.72 -30.01
C TYR C 114 -9.87 -14.99 -28.85
N PRO C 115 -10.40 -13.83 -28.49
CA PRO C 115 -9.82 -13.08 -27.37
C PRO C 115 -9.92 -13.86 -26.07
N LEU C 116 -9.00 -13.55 -25.17
CA LEU C 116 -9.04 -14.19 -23.86
C LEU C 116 -10.14 -13.57 -23.01
N PRO C 117 -10.70 -14.36 -22.10
CA PRO C 117 -11.66 -13.80 -21.13
C PRO C 117 -11.13 -12.57 -20.42
N THR C 118 -11.92 -11.51 -20.45
CA THR C 118 -11.67 -10.23 -19.78
C THR C 118 -10.49 -9.45 -20.35
N GLN C 119 -9.95 -9.84 -21.50
CA GLN C 119 -8.85 -9.07 -22.05
C GLN C 119 -9.35 -7.72 -22.56
N GLU C 120 -8.41 -6.80 -22.74
CA GLU C 120 -8.73 -5.49 -23.28
C GLU C 120 -9.54 -5.66 -24.56
N ASP C 121 -10.55 -4.82 -24.73
CA ASP C 121 -11.35 -4.86 -25.95
C ASP C 121 -10.44 -4.64 -27.16
N ILE C 122 -10.43 -5.61 -28.08
CA ILE C 122 -9.46 -5.52 -29.17
C ILE C 122 -9.71 -4.31 -30.05
N LYS C 123 -10.94 -3.81 -30.10
CA LYS C 123 -11.19 -2.60 -30.87
C LYS C 123 -10.65 -1.36 -30.17
N GLU C 124 -10.80 -1.29 -28.84
CA GLU C 124 -10.15 -0.20 -28.11
C GLU C 124 -8.62 -0.28 -28.25
N PHE C 125 -8.07 -1.49 -28.13
CA PHE C 125 -6.62 -1.69 -28.28
C PHE C 125 -6.13 -1.22 -29.64
N GLU C 126 -6.75 -1.75 -30.69
CA GLU C 126 -6.37 -1.32 -32.04
C GLU C 126 -6.47 0.18 -32.21
N LYS C 127 -7.52 0.80 -31.65
CA LYS C 127 -7.68 2.24 -31.77
C LYS C 127 -6.51 3.00 -31.18
N ARG C 128 -6.09 2.64 -29.95
CA ARG C 128 -5.01 3.45 -29.37
C ARG C 128 -3.71 3.24 -30.12
N ILE C 129 -3.43 1.99 -30.54
CA ILE C 129 -2.23 1.69 -31.30
C ILE C 129 -2.24 2.44 -32.63
N LYS C 130 -3.40 2.43 -33.32
CA LYS C 130 -3.49 3.09 -34.63
C LYS C 130 -3.30 4.59 -34.51
N GLU C 131 -3.87 5.21 -33.47
CA GLU C 131 -3.63 6.64 -33.31
C GLU C 131 -2.18 6.94 -33.01
N PHE C 132 -1.56 6.10 -32.16
CA PHE C 132 -0.12 6.23 -31.95
C PHE C 132 0.60 6.18 -33.29
N LEU C 133 0.23 5.21 -34.13
CA LEU C 133 0.93 5.03 -35.41
C LEU C 133 0.73 6.23 -36.33
N GLU C 134 -0.49 6.75 -36.39
CA GLU C 134 -0.77 7.96 -37.17
C GLU C 134 0.09 9.12 -36.70
N ASP C 135 0.25 9.28 -35.38
CA ASP C 135 1.09 10.36 -34.89
C ASP C 135 2.56 10.14 -35.25
N LEU C 136 3.01 8.87 -35.29
CA LEU C 136 4.40 8.63 -35.70
C LEU C 136 4.64 9.12 -37.12
N LYS C 137 3.68 8.92 -38.02
CA LYS C 137 3.84 9.36 -39.40
C LYS C 137 4.10 10.86 -39.49
N SER C 138 3.45 11.64 -38.65
CA SER C 138 3.53 13.09 -38.77
C SER C 138 4.64 13.69 -37.95
N ARG C 139 5.40 12.89 -37.19
CA ARG C 139 6.46 13.48 -36.39
C ARG C 139 7.55 14.02 -37.30
N LYS C 140 8.26 15.02 -36.83
CA LYS C 140 9.26 15.66 -37.67
C LYS C 140 10.63 14.99 -37.58
N GLU C 141 10.88 14.17 -36.58
CA GLU C 141 12.17 13.51 -36.46
C GLU C 141 12.41 12.56 -37.65
N LYS C 142 13.66 12.45 -38.04
CA LYS C 142 14.05 11.51 -39.09
C LYS C 142 14.42 10.16 -38.51
N VAL C 143 14.93 10.10 -37.28
CA VAL C 143 15.24 8.84 -36.62
C VAL C 143 14.64 8.88 -35.22
N LEU C 144 13.88 7.87 -34.86
CA LEU C 144 13.41 7.73 -33.49
C LEU C 144 13.29 6.26 -33.12
N ALA C 145 13.13 6.03 -31.82
CA ALA C 145 13.01 4.72 -31.20
C ALA C 145 11.81 4.70 -30.30
N VAL C 146 11.09 3.58 -30.36
CA VAL C 146 9.89 3.32 -29.60
C VAL C 146 10.15 2.09 -28.74
N VAL C 147 10.19 2.27 -27.42
CA VAL C 147 10.36 1.18 -26.48
C VAL C 147 9.00 0.76 -25.98
N GLY C 148 8.66 -0.50 -26.25
CA GLY C 148 7.34 -1.00 -25.96
C GLY C 148 7.28 -2.46 -25.54
N HIS C 149 6.08 -3.01 -25.55
CA HIS C 149 5.79 -4.34 -25.06
C HIS C 149 5.51 -5.26 -26.24
N GLY C 150 5.60 -6.56 -25.99
CA GLY C 150 5.20 -7.54 -27.00
C GLY C 150 3.89 -7.21 -27.71
N GLY C 151 2.82 -7.14 -26.95
CA GLY C 151 1.52 -6.86 -27.56
C GLY C 151 1.52 -5.62 -28.42
N THR C 152 1.94 -4.49 -27.85
CA THR C 152 1.79 -3.25 -28.56
C THR C 152 2.77 -3.15 -29.71
N LEU C 153 3.99 -3.65 -29.56
CA LEU C 153 4.94 -3.57 -30.68
C LEU C 153 4.52 -4.51 -31.81
N HIS C 154 4.12 -5.74 -31.48
CA HIS C 154 3.64 -6.60 -32.56
C HIS C 154 2.44 -5.95 -33.25
N GLY C 155 1.52 -5.39 -32.45
CA GLY C 155 0.34 -4.77 -33.01
C GLY C 155 0.67 -3.61 -33.91
N LEU C 156 1.63 -2.78 -33.50
CA LEU C 156 2.08 -1.68 -34.33
C LEU C 156 2.62 -2.19 -35.65
N LEU C 157 3.47 -3.21 -35.60
CA LEU C 157 4.02 -3.76 -36.82
C LEU C 157 2.92 -4.28 -37.74
N CYS C 158 1.98 -5.03 -37.18
CA CYS C 158 0.91 -5.57 -38.00
C CYS C 158 0.11 -4.47 -38.69
N LEU C 159 -0.22 -3.41 -37.94
CA LEU C 159 -0.97 -2.32 -38.54
C LEU C 159 -0.15 -1.61 -39.59
N ALA C 160 1.14 -1.39 -39.33
CA ALA C 160 1.98 -0.66 -40.29
C ALA C 160 2.07 -1.40 -41.60
N LEU C 161 2.10 -2.72 -41.56
CA LEU C 161 2.21 -3.50 -42.78
C LEU C 161 0.87 -3.88 -43.38
N GLY C 162 -0.23 -3.54 -42.71
CA GLY C 162 -1.56 -3.83 -43.19
C GLY C 162 -1.96 -5.28 -43.16
N ILE C 163 -1.50 -6.05 -42.17
CA ILE C 163 -1.81 -7.48 -42.12
C ILE C 163 -2.77 -7.85 -41.00
N GLY C 164 -3.14 -6.88 -40.16
CA GLY C 164 -4.16 -7.09 -39.15
C GLY C 164 -3.60 -7.68 -37.89
N LEU C 165 -4.27 -7.34 -36.78
CA LEU C 165 -3.96 -7.86 -35.46
C LEU C 165 -4.17 -9.36 -35.36
N GLU C 166 -4.85 -9.96 -36.34
CA GLU C 166 -4.94 -11.41 -36.39
C GLU C 166 -3.57 -12.07 -36.38
N LYS C 167 -2.54 -11.36 -36.84
CA LYS C 167 -1.20 -11.93 -36.99
C LYS C 167 -0.26 -11.55 -35.86
N MET C 168 -0.75 -10.91 -34.79
CA MET C 168 0.17 -10.31 -33.85
C MET C 168 1.00 -11.33 -33.07
N TRP C 169 0.53 -12.58 -32.89
CA TRP C 169 1.34 -13.63 -32.26
C TRP C 169 1.96 -14.57 -33.28
N HIS C 170 2.11 -14.13 -34.53
CA HIS C 170 2.85 -14.85 -35.56
C HIS C 170 4.29 -14.40 -35.66
N ILE C 171 4.66 -13.34 -34.95
CA ILE C 171 5.99 -12.76 -34.99
C ILE C 171 6.46 -12.69 -33.55
N HIS C 172 7.78 -12.62 -33.39
CA HIS C 172 8.34 -12.66 -32.05
C HIS C 172 9.35 -11.55 -31.90
N MET C 173 9.44 -11.01 -30.68
CA MET C 173 10.54 -10.12 -30.32
C MET C 173 11.10 -10.54 -28.97
N ASP C 174 12.41 -10.67 -28.90
CA ASP C 174 13.08 -10.93 -27.64
C ASP C 174 13.26 -9.63 -26.86
N ASN C 175 13.65 -9.78 -25.59
CA ASN C 175 13.95 -8.62 -24.74
C ASN C 175 15.08 -7.79 -25.33
N THR C 176 14.83 -6.48 -25.44
CA THR C 176 15.66 -5.50 -26.15
C THR C 176 15.90 -5.85 -27.62
N GLY C 177 15.05 -6.70 -28.19
CA GLY C 177 15.06 -6.92 -29.63
C GLY C 177 14.55 -5.71 -30.39
N ILE C 178 15.24 -5.39 -31.48
CA ILE C 178 15.03 -4.20 -32.28
C ILE C 178 14.45 -4.60 -33.64
N SER C 179 13.43 -3.87 -34.07
CA SER C 179 12.84 -4.05 -35.39
C SER C 179 12.73 -2.71 -36.09
N LEU C 180 13.45 -2.56 -37.20
CA LEU C 180 13.52 -1.31 -37.92
C LEU C 180 12.37 -1.21 -38.93
N LEU C 181 11.52 -0.22 -38.73
CA LEU C 181 10.39 0.08 -39.60
C LEU C 181 10.67 1.42 -40.27
N GLU C 182 10.64 1.44 -41.61
CA GLU C 182 10.84 2.69 -42.35
C GLU C 182 9.52 3.18 -42.92
N TYR C 183 9.40 4.51 -42.99
CA TYR C 183 8.22 5.18 -43.50
C TYR C 183 8.64 6.23 -44.53
N ASP C 184 8.04 6.16 -45.73
CA ASP C 184 8.47 7.01 -46.83
C ASP C 184 7.51 8.19 -47.08
N GLY C 185 6.52 8.38 -46.20
CA GLY C 185 5.47 9.36 -46.42
C GLY C 185 4.16 8.75 -46.87
N GLU C 186 4.18 7.55 -47.34
CA GLU C 186 2.95 6.93 -47.80
C GLU C 186 2.77 5.56 -47.20
N ARG C 187 3.83 4.78 -47.06
CA ARG C 187 3.70 3.40 -46.65
C ARG C 187 4.94 3.00 -45.87
N PHE C 188 4.84 1.83 -45.27
CA PHE C 188 5.86 1.28 -44.40
C PHE C 188 6.61 0.13 -45.09
N TYR C 189 7.81 -0.15 -44.56
N TYR C 189 7.87 -0.03 -44.68
CA TYR C 189 8.75 -1.13 -45.07
CA TYR C 189 8.72 -1.15 -45.07
C TYR C 189 9.47 -1.70 -43.86
C TYR C 189 9.36 -1.70 -43.79
N LEU C 190 9.36 -3.01 -43.63
CA LEU C 190 9.97 -3.66 -42.45
C LEU C 190 11.37 -4.13 -42.85
N LYS C 191 12.39 -3.47 -42.31
CA LYS C 191 13.76 -3.79 -42.64
C LYS C 191 14.38 -4.88 -41.77
N SER C 192 13.84 -5.14 -40.59
CA SER C 192 14.41 -6.15 -39.68
C SER C 192 13.38 -6.45 -38.63
N LEU C 193 13.47 -7.66 -38.07
CA LEU C 193 12.65 -8.08 -36.92
C LEU C 193 13.52 -8.81 -35.92
N ASN C 194 13.47 -8.32 -34.68
CA ASN C 194 14.04 -8.99 -33.52
C ASN C 194 15.55 -9.14 -33.67
N ASP C 195 16.21 -8.04 -33.97
CA ASP C 195 17.66 -7.93 -33.96
C ASP C 195 18.13 -7.81 -32.51
N THR C 196 18.91 -8.81 -32.08
CA THR C 196 19.60 -8.75 -30.80
C THR C 196 21.10 -8.91 -30.95
N CYS C 197 21.64 -8.35 -32.02
CA CYS C 197 23.08 -8.38 -32.22
C CYS C 197 23.84 -7.86 -30.99
N HIS C 198 23.31 -6.84 -30.32
CA HIS C 198 24.01 -6.22 -29.20
C HIS C 198 24.12 -7.15 -28.00
N LEU C 199 23.36 -8.23 -27.95
CA LEU C 199 23.44 -9.18 -26.85
C LEU C 199 24.43 -10.32 -27.13
N LEU C 200 25.11 -10.28 -28.27
CA LEU C 200 25.98 -11.40 -28.63
C LEU C 200 27.11 -11.60 -27.61
N VAL C 201 27.64 -10.50 -27.05
CA VAL C 201 28.71 -10.62 -26.07
C VAL C 201 28.30 -11.40 -24.81
N LEU C 202 27.01 -11.62 -24.58
CA LEU C 202 26.53 -12.39 -23.43
C LEU C 202 26.48 -13.89 -23.71
N ASP C 203 26.72 -14.32 -24.94
CA ASP C 203 26.60 -15.75 -25.28
C ASP C 203 27.79 -16.58 -24.77
N MET D 1 15.14 34.83 -26.75
CA MET D 1 14.17 34.90 -25.63
C MET D 1 13.47 33.56 -25.50
N LYS D 2 13.75 32.85 -24.41
CA LYS D 2 13.10 31.59 -24.07
C LYS D 2 12.17 31.83 -22.89
N LYS D 3 10.95 31.33 -22.99
CA LYS D 3 9.97 31.44 -21.91
C LYS D 3 9.84 30.06 -21.28
N ILE D 4 10.07 29.99 -19.97
CA ILE D 4 10.05 28.76 -19.18
C ILE D 4 9.00 28.92 -18.09
N TYR D 5 7.85 28.29 -18.25
CA TYR D 5 6.80 28.30 -17.24
C TYR D 5 7.02 27.12 -16.29
N LEU D 6 7.41 27.43 -15.08
CA LEU D 6 7.46 26.45 -14.01
C LEU D 6 6.05 26.30 -13.46
N ILE D 7 5.65 25.05 -13.25
CA ILE D 7 4.31 24.73 -12.78
C ILE D 7 4.41 23.70 -11.69
N ARG D 8 3.98 24.06 -10.47
CA ARG D 8 3.93 23.07 -9.41
C ARG D 8 2.77 22.15 -9.69
N HIS D 9 2.95 20.85 -9.45
CA HIS D 9 1.91 19.89 -9.75
C HIS D 9 0.67 20.17 -8.92
N ALA D 10 -0.43 19.53 -9.32
CA ALA D 10 -1.72 19.71 -8.67
C ALA D 10 -1.74 18.96 -7.33
N GLN D 11 -2.84 19.16 -6.61
CA GLN D 11 -2.93 18.68 -5.24
C GLN D 11 -2.92 17.16 -5.19
N SER D 12 -2.04 16.61 -4.39
CA SER D 12 -1.96 15.17 -4.15
C SER D 12 -2.56 14.83 -2.80
N GLU D 13 -2.87 13.55 -2.66
CA GLU D 13 -3.55 13.09 -1.47
C GLU D 13 -2.70 13.31 -0.22
N TYR D 14 -1.40 13.05 -0.30
CA TYR D 14 -0.65 13.21 0.94
C TYR D 14 -0.37 14.67 1.26
N ASN D 15 -0.35 15.56 0.28
CA ASN D 15 -0.28 16.96 0.65
C ASN D 15 -1.57 17.41 1.30
N GLU D 16 -2.71 17.02 0.73
CA GLU D 16 -3.98 17.24 1.42
C GLU D 16 -3.94 16.72 2.86
N LYS D 17 -3.33 15.55 3.10
CA LYS D 17 -3.28 15.05 4.47
C LYS D 17 -2.18 15.74 5.34
N GLY D 18 -1.48 16.77 4.86
CA GLY D 18 -0.44 17.43 5.63
C GLY D 18 0.81 16.62 5.85
N ILE D 19 1.08 15.64 5.01
CA ILE D 19 2.19 14.72 5.20
C ILE D 19 3.38 15.20 4.36
N PHE D 20 4.54 15.27 4.99
CA PHE D 20 5.79 15.26 4.26
C PHE D 20 5.74 14.13 3.24
N GLN D 21 5.85 14.44 1.95
CA GLN D 21 5.73 13.40 0.92
C GLN D 21 7.10 13.04 0.33
N GLY D 22 7.76 13.96 -0.36
CA GLY D 22 9.12 13.70 -0.80
C GLY D 22 9.13 12.59 -1.86
N ARG D 23 9.95 11.56 -1.64
CA ARG D 23 9.97 10.44 -2.57
C ARG D 23 8.72 9.56 -2.51
N LEU D 24 7.87 9.70 -1.48
CA LEU D 24 6.60 8.99 -1.55
C LEU D 24 5.81 9.51 -2.75
N ASP D 25 4.78 8.77 -3.14
CA ASP D 25 4.33 8.86 -4.52
C ASP D 25 2.83 8.73 -4.63
N SER D 26 2.10 9.58 -3.91
CA SER D 26 0.64 9.52 -3.85
C SER D 26 0.00 10.10 -5.13
N ASP D 27 -1.30 9.81 -5.30
CA ASP D 27 -2.12 10.19 -6.44
C ASP D 27 -2.65 11.61 -6.29
N LEU D 28 -3.21 12.14 -7.37
CA LEU D 28 -3.94 13.40 -7.26
C LEU D 28 -5.26 13.18 -6.57
N THR D 29 -5.68 14.18 -5.79
CA THR D 29 -7.03 14.20 -5.28
C THR D 29 -7.97 14.62 -6.40
N PRO D 30 -9.28 14.46 -6.19
CA PRO D 30 -10.24 15.00 -7.16
C PRO D 30 -10.07 16.48 -7.44
N LEU D 31 -9.80 17.27 -6.40
CA LEU D 31 -9.46 18.68 -6.62
C LEU D 31 -8.24 18.80 -7.52
N GLY D 32 -7.21 18.01 -7.26
CA GLY D 32 -6.02 18.07 -8.09
C GLY D 32 -6.30 17.87 -9.57
N PHE D 33 -7.16 16.90 -9.91
CA PHE D 33 -7.57 16.74 -11.31
C PHE D 33 -8.29 17.99 -11.82
N VAL D 34 -9.14 18.59 -10.97
CA VAL D 34 -9.85 19.80 -11.38
C VAL D 34 -8.85 20.92 -11.63
N GLN D 35 -7.90 21.08 -10.70
CA GLN D 35 -6.90 22.12 -10.85
C GLN D 35 -6.15 21.95 -12.15
N SER D 36 -5.84 20.70 -12.52
CA SER D 36 -5.04 20.41 -13.70
C SER D 36 -5.78 20.82 -14.97
N ARG D 37 -7.08 20.60 -14.99
CA ARG D 37 -7.91 20.99 -16.14
C ARG D 37 -8.02 22.50 -16.27
N LEU D 38 -8.02 23.24 -15.16
CA LEU D 38 -8.11 24.70 -15.25
C LEU D 38 -6.82 25.29 -15.79
N LEU D 39 -5.69 24.60 -15.58
CA LEU D 39 -4.39 25.12 -16.00
C LEU D 39 -4.31 25.46 -17.48
N VAL D 40 -4.99 24.71 -18.36
CA VAL D 40 -5.01 25.05 -19.78
C VAL D 40 -5.41 26.50 -20.03
N LYS D 41 -6.31 27.07 -19.22
CA LYS D 41 -6.71 28.46 -19.41
C LYS D 41 -5.52 29.39 -19.51
N GLN D 42 -4.43 29.11 -18.84
CA GLN D 42 -3.32 30.06 -18.89
C GLN D 42 -2.54 30.04 -20.20
N PHE D 43 -2.84 29.10 -21.09
CA PHE D 43 -2.04 28.89 -22.28
C PHE D 43 -2.97 29.02 -23.49
N GLU D 44 -3.55 30.21 -23.66
CA GLU D 44 -4.38 30.51 -24.82
C GLU D 44 -3.64 31.31 -25.86
N ARG D 45 -2.65 32.10 -25.44
CA ARG D 45 -1.84 32.94 -26.33
C ARG D 45 -0.42 32.40 -26.47
N GLU D 46 0.33 32.32 -25.38
CA GLU D 46 1.65 31.67 -25.39
C GLU D 46 1.40 30.19 -25.11
N LYS D 47 1.56 29.37 -26.09
CA LYS D 47 1.35 27.94 -25.91
C LYS D 47 2.71 27.24 -25.78
N PRO D 48 2.91 26.41 -24.77
CA PRO D 48 4.18 25.67 -24.68
C PRO D 48 4.31 24.70 -25.84
N GLU D 49 5.54 24.58 -26.34
CA GLU D 49 5.83 23.63 -27.40
C GLU D 49 6.09 22.23 -26.88
N VAL D 50 6.45 22.10 -25.59
CA VAL D 50 6.69 20.83 -24.93
C VAL D 50 6.45 21.01 -23.43
N ILE D 51 6.09 19.91 -22.77
CA ILE D 51 5.99 19.82 -21.30
C ILE D 51 7.06 18.85 -20.80
N ILE D 52 7.89 19.30 -19.86
CA ILE D 52 8.84 18.45 -19.16
C ILE D 52 8.33 18.25 -17.74
N THR D 53 8.32 16.98 -17.28
CA THR D 53 7.75 16.70 -15.96
C THR D 53 8.58 15.72 -15.13
N SER D 54 8.43 15.87 -13.81
CA SER D 54 8.98 14.89 -12.89
C SER D 54 8.27 13.57 -13.12
N PRO D 55 8.95 12.44 -12.87
CA PRO D 55 8.28 11.12 -13.05
C PRO D 55 7.26 10.80 -11.96
N GLN D 56 7.28 11.47 -10.82
CA GLN D 56 6.34 11.12 -9.74
C GLN D 56 4.95 11.41 -10.20
N ARG D 57 4.04 10.55 -9.75
CA ARG D 57 2.70 10.49 -10.29
C ARG D 57 1.95 11.83 -10.20
N ARG D 58 2.10 12.54 -9.08
CA ARG D 58 1.36 13.80 -8.89
C ARG D 58 1.76 14.84 -9.94
N ALA D 59 3.04 14.87 -10.32
CA ALA D 59 3.50 15.73 -11.38
C ALA D 59 3.10 15.19 -12.74
N TYR D 60 3.43 13.91 -13.00
CA TYR D 60 3.12 13.29 -14.27
C TYR D 60 1.65 13.47 -14.64
N LYS D 61 0.74 13.17 -13.72
CA LYS D 61 -0.67 13.31 -14.05
C LYS D 61 -1.13 14.77 -14.27
N THR D 62 -0.53 15.73 -13.56
CA THR D 62 -0.78 17.13 -13.88
C THR D 62 -0.30 17.44 -15.30
N ALA D 63 0.96 17.06 -15.60
CA ALA D 63 1.56 17.34 -16.89
C ALA D 63 0.80 16.66 -18.04
N LEU D 64 0.29 15.45 -17.79
CA LEU D 64 -0.46 14.73 -18.82
C LEU D 64 -1.76 15.44 -19.18
N THR D 65 -2.48 15.99 -18.20
CA THR D 65 -3.68 16.74 -18.52
C THR D 65 -3.36 17.86 -19.51
N LEU D 66 -2.30 18.59 -19.24
CA LEU D 66 -1.89 19.69 -20.10
C LEU D 66 -1.43 19.21 -21.47
N SER D 67 -0.50 18.26 -21.50
CA SER D 67 0.01 17.81 -22.80
C SER D 67 -1.08 17.17 -23.64
N ASP D 68 -2.04 16.49 -23.02
CA ASP D 68 -3.14 15.93 -23.79
C ASP D 68 -3.98 17.03 -24.44
N VAL D 69 -4.41 18.02 -23.66
CA VAL D 69 -5.31 19.01 -24.24
C VAL D 69 -4.60 19.87 -25.26
N LEU D 70 -3.32 20.16 -25.04
CA LEU D 70 -2.58 21.01 -25.96
C LEU D 70 -1.99 20.24 -27.14
N GLY D 71 -2.04 18.92 -27.12
CA GLY D 71 -1.51 18.12 -28.20
C GLY D 71 -0.01 18.25 -28.41
N ILE D 72 0.77 18.20 -27.34
CA ILE D 72 2.22 18.32 -27.43
C ILE D 72 2.85 17.18 -26.64
N ASP D 73 4.15 17.01 -26.83
CA ASP D 73 4.88 15.93 -26.18
C ASP D 73 5.02 16.18 -24.67
N LEU D 74 4.98 15.09 -23.92
CA LEU D 74 5.38 15.01 -22.51
C LEU D 74 6.70 14.28 -22.33
N ILE D 75 7.73 15.01 -21.93
CA ILE D 75 9.06 14.49 -21.67
C ILE D 75 9.20 14.29 -20.18
N VAL D 76 9.74 13.14 -19.77
CA VAL D 76 9.96 12.86 -18.35
C VAL D 76 11.42 13.01 -18.03
N ASP D 77 11.72 13.75 -16.96
CA ASP D 77 13.09 13.96 -16.54
C ASP D 77 13.22 13.65 -15.04
N GLU D 78 14.12 12.72 -14.73
CA GLU D 78 14.31 12.27 -13.35
C GLU D 78 14.94 13.35 -12.50
N ARG D 79 15.64 14.31 -13.10
CA ARG D 79 16.39 15.26 -12.32
C ARG D 79 15.50 16.26 -11.58
N ILE D 80 14.20 16.29 -11.84
CA ILE D 80 13.31 17.21 -11.12
C ILE D 80 12.33 16.46 -10.22
N ARG D 81 12.61 15.19 -9.92
CA ARG D 81 11.81 14.55 -8.89
C ARG D 81 12.10 15.22 -7.55
N GLU D 82 11.15 15.11 -6.63
CA GLU D 82 11.24 15.92 -5.42
C GLU D 82 12.47 15.54 -4.60
N MET D 83 12.97 16.50 -3.83
CA MET D 83 13.95 16.21 -2.80
C MET D 83 13.46 15.10 -1.87
N SER D 84 14.36 14.22 -1.48
CA SER D 84 14.02 13.23 -0.46
C SER D 84 14.09 13.89 0.91
N PHE D 85 12.96 13.91 1.63
CA PHE D 85 12.89 14.35 3.01
C PHE D 85 13.17 13.21 4.01
N GLY D 86 14.02 12.25 3.63
CA GLY D 86 14.50 11.21 4.51
C GLY D 86 13.49 10.46 5.35
N VAL D 87 13.73 10.46 6.67
CA VAL D 87 12.87 9.72 7.59
C VAL D 87 11.76 10.57 8.15
N LEU D 88 11.70 11.85 7.79
CA LEU D 88 10.46 12.58 8.06
C LEU D 88 9.39 12.33 7.01
N GLU D 89 9.74 11.72 5.87
CA GLU D 89 8.71 11.35 4.89
C GLU D 89 7.69 10.47 5.58
N GLY D 90 6.42 10.81 5.43
CA GLY D 90 5.33 10.15 6.09
C GLY D 90 4.80 10.92 7.27
N ARG D 91 5.65 11.68 7.92
CA ARG D 91 5.22 12.33 9.14
C ARG D 91 4.41 13.57 8.84
N HIS D 92 3.51 13.86 9.74
CA HIS D 92 2.72 15.05 9.68
C HIS D 92 3.60 16.29 9.89
N PHE D 93 3.52 17.24 8.96
CA PHE D 93 4.46 18.36 8.99
C PHE D 93 4.36 19.12 10.30
N TRP D 94 3.14 19.56 10.67
CA TRP D 94 2.91 20.37 11.86
C TRP D 94 3.23 19.61 13.14
N THR D 95 3.10 18.28 13.12
CA THR D 95 3.57 17.47 14.25
C THR D 95 5.08 17.51 14.34
N MET D 96 5.77 17.41 13.22
CA MET D 96 7.23 17.47 13.26
C MET D 96 7.68 18.85 13.71
N PHE D 97 6.97 19.90 13.30
CA PHE D 97 7.35 21.24 13.67
C PHE D 97 7.21 21.44 15.17
N GLU D 98 6.04 21.12 15.73
CA GLU D 98 5.83 21.21 17.16
C GLU D 98 6.91 20.47 17.94
N GLU D 99 7.19 19.24 17.53
CA GLU D 99 8.16 18.42 18.23
C GLU D 99 9.61 18.73 17.86
N ASN D 100 9.85 19.63 16.92
CA ASN D 100 11.22 19.92 16.50
C ASN D 100 11.28 21.34 15.94
N LYS D 101 10.84 22.32 16.75
CA LYS D 101 10.63 23.67 16.24
C LYS D 101 11.91 24.26 15.68
N GLU D 102 13.02 24.10 16.41
CA GLU D 102 14.28 24.69 15.97
C GLU D 102 14.80 24.02 14.70
N MET D 103 14.72 22.68 14.63
CA MET D 103 15.15 21.96 13.43
C MET D 103 14.47 22.52 12.19
N ILE D 104 13.14 22.66 12.25
CA ILE D 104 12.36 23.07 11.09
C ILE D 104 12.58 24.54 10.79
N ILE D 105 12.54 25.39 11.83
CA ILE D 105 12.77 26.82 11.59
C ILE D 105 14.12 27.01 10.95
N ASN D 106 15.14 26.32 11.46
CA ASN D 106 16.47 26.42 10.88
C ASN D 106 16.48 25.97 9.42
N TRP D 107 15.86 24.83 9.15
CA TRP D 107 15.82 24.31 7.79
C TRP D 107 15.14 25.29 6.84
N LEU D 108 14.03 25.89 7.28
CA LEU D 108 13.34 26.85 6.41
C LEU D 108 14.19 28.11 6.19
N LYS D 109 14.96 28.51 7.20
CA LYS D 109 15.80 29.70 7.05
C LYS D 109 16.97 29.46 6.11
N ASP D 110 17.57 28.28 6.19
CA ASP D 110 18.75 28.00 5.39
C ASP D 110 18.94 26.48 5.33
N PRO D 111 18.35 25.80 4.36
CA PRO D 111 18.43 24.33 4.30
C PRO D 111 19.77 23.81 3.82
N VAL D 112 20.66 24.71 3.40
CA VAL D 112 22.03 24.31 3.09
C VAL D 112 22.84 24.17 4.38
N LYS D 113 22.68 25.11 5.29
CA LYS D 113 23.41 25.10 6.53
C LYS D 113 22.75 24.19 7.54
N TYR D 114 21.42 24.08 7.50
CA TYR D 114 20.65 23.34 8.48
C TYR D 114 19.79 22.27 7.82
N PRO D 115 20.41 21.32 7.11
CA PRO D 115 19.61 20.27 6.48
C PRO D 115 18.90 19.41 7.52
N LEU D 116 17.80 18.81 7.10
CA LEU D 116 17.11 17.84 7.93
C LEU D 116 17.96 16.59 8.05
N PRO D 117 17.87 15.86 9.17
CA PRO D 117 18.57 14.58 9.26
C PRO D 117 18.08 13.63 8.19
N THR D 118 19.03 13.03 7.47
CA THR D 118 18.75 11.98 6.49
C THR D 118 18.00 12.46 5.25
N GLN D 119 17.91 13.77 5.02
CA GLN D 119 17.38 14.26 3.76
C GLN D 119 18.42 14.04 2.69
N GLU D 120 18.05 14.27 1.43
CA GLU D 120 19.02 14.14 0.34
C GLU D 120 20.18 15.10 0.52
N ASP D 121 21.38 14.63 0.19
CA ASP D 121 22.54 15.49 0.26
C ASP D 121 22.27 16.74 -0.60
N ILE D 122 22.41 17.92 0.00
CA ILE D 122 22.05 19.14 -0.71
C ILE D 122 23.02 19.46 -1.82
N LYS D 123 24.24 18.92 -1.76
CA LYS D 123 25.15 19.09 -2.89
C LYS D 123 24.73 18.23 -4.08
N GLU D 124 24.19 17.03 -3.82
CA GLU D 124 23.70 16.18 -4.90
C GLU D 124 22.42 16.76 -5.49
N PHE D 125 21.49 17.15 -4.63
CA PHE D 125 20.27 17.83 -5.08
C PHE D 125 20.63 19.01 -5.97
N GLU D 126 21.47 19.91 -5.46
CA GLU D 126 21.86 21.06 -6.26
C GLU D 126 22.47 20.62 -7.58
N LYS D 127 23.17 19.50 -7.60
CA LYS D 127 23.86 19.10 -8.82
C LYS D 127 22.87 18.66 -9.89
N ARG D 128 21.86 17.88 -9.53
CA ARG D 128 20.92 17.42 -10.56
C ARG D 128 20.02 18.55 -11.06
N ILE D 129 19.52 19.42 -10.15
CA ILE D 129 18.80 20.64 -10.52
C ILE D 129 19.64 21.47 -11.50
N LYS D 130 20.92 21.66 -11.14
CA LYS D 130 21.77 22.54 -11.94
C LYS D 130 21.94 21.97 -13.34
N GLU D 131 22.17 20.66 -13.46
CA GLU D 131 22.31 20.07 -14.78
C GLU D 131 21.02 20.19 -15.57
N PHE D 132 19.88 19.97 -14.92
CA PHE D 132 18.62 20.19 -15.61
C PHE D 132 18.54 21.63 -16.13
N LEU D 133 18.90 22.60 -15.30
CA LEU D 133 18.80 24.00 -15.71
C LEU D 133 19.73 24.28 -16.89
N GLU D 134 20.95 23.78 -16.86
CA GLU D 134 21.85 23.95 -18.00
C GLU D 134 21.24 23.41 -19.28
N ASP D 135 20.64 22.21 -19.22
CA ASP D 135 20.01 21.64 -20.40
C ASP D 135 18.86 22.51 -20.90
N LEU D 136 18.11 23.12 -19.97
CA LEU D 136 17.02 23.99 -20.41
C LEU D 136 17.54 25.15 -21.24
N LYS D 137 18.68 25.72 -20.85
CA LYS D 137 19.27 26.83 -21.59
C LYS D 137 19.47 26.47 -23.05
N SER D 138 19.87 25.23 -23.32
CA SER D 138 20.26 24.78 -24.65
C SER D 138 19.11 24.25 -25.47
N ARG D 139 17.92 24.10 -24.90
CA ARG D 139 16.80 23.53 -25.65
C ARG D 139 16.40 24.45 -26.80
N LYS D 140 15.82 23.88 -27.84
CA LYS D 140 15.47 24.65 -29.03
C LYS D 140 14.11 25.31 -28.94
N GLU D 141 13.20 24.81 -28.10
CA GLU D 141 11.88 25.40 -27.99
C GLU D 141 11.98 26.84 -27.47
N LYS D 142 11.04 27.67 -27.91
CA LYS D 142 10.99 29.06 -27.47
C LYS D 142 10.11 29.22 -26.26
N VAL D 143 9.12 28.34 -26.13
CA VAL D 143 8.18 28.33 -25.00
C VAL D 143 8.06 26.91 -24.50
N LEU D 144 8.30 26.71 -23.21
CA LEU D 144 8.09 25.38 -22.63
C LEU D 144 7.59 25.50 -21.20
N ALA D 145 7.07 24.38 -20.70
CA ALA D 145 6.56 24.27 -19.34
C ALA D 145 7.24 23.10 -18.64
N VAL D 146 7.47 23.30 -17.36
CA VAL D 146 8.13 22.34 -16.47
C VAL D 146 7.22 22.10 -15.28
N VAL D 147 6.69 20.88 -15.18
CA VAL D 147 5.87 20.47 -14.04
C VAL D 147 6.77 19.77 -13.02
N GLY D 148 6.86 20.36 -11.85
CA GLY D 148 7.66 19.83 -10.79
C GLY D 148 7.09 20.01 -9.40
N HIS D 149 7.96 19.89 -8.43
CA HIS D 149 7.65 19.84 -7.02
C HIS D 149 8.17 21.13 -6.38
N GLY D 150 7.62 21.44 -5.22
CA GLY D 150 8.13 22.57 -4.47
C GLY D 150 9.63 22.69 -4.38
N GLY D 151 10.28 21.65 -3.86
CA GLY D 151 11.71 21.70 -3.68
C GLY D 151 12.47 21.98 -4.97
N THR D 152 12.14 21.23 -6.02
CA THR D 152 12.92 21.32 -7.25
C THR D 152 12.60 22.60 -8.00
N LEU D 153 11.34 23.02 -8.00
CA LEU D 153 11.05 24.26 -8.70
C LEU D 153 11.60 25.46 -7.93
N HIS D 154 11.47 25.46 -6.59
CA HIS D 154 12.07 26.58 -5.86
C HIS D 154 13.57 26.59 -6.08
N GLY D 155 14.18 25.41 -6.03
CA GLY D 155 15.61 25.32 -6.25
C GLY D 155 16.04 25.85 -7.60
N LEU D 156 15.34 25.44 -8.66
CA LEU D 156 15.65 25.94 -10.00
C LEU D 156 15.59 27.46 -10.06
N LEU D 157 14.54 28.03 -9.46
CA LEU D 157 14.44 29.49 -9.41
C LEU D 157 15.64 30.10 -8.72
N CYS D 158 16.02 29.56 -7.55
CA CYS D 158 17.14 30.11 -6.81
C CYS D 158 18.40 30.06 -7.64
N LEU D 159 18.66 28.93 -8.31
CA LEU D 159 19.87 28.83 -9.12
C LEU D 159 19.79 29.79 -10.30
N ALA D 160 18.64 29.86 -10.94
CA ALA D 160 18.51 30.69 -12.14
C ALA D 160 18.78 32.15 -11.83
N LEU D 161 18.32 32.62 -10.67
CA LEU D 161 18.54 34.00 -10.27
C LEU D 161 19.85 34.22 -9.54
N GLY D 162 20.56 33.15 -9.18
CA GLY D 162 21.86 33.31 -8.54
C GLY D 162 21.81 33.66 -7.08
N ILE D 163 20.75 33.26 -6.39
CA ILE D 163 20.62 33.62 -4.98
C ILE D 163 20.91 32.48 -4.01
N GLY D 164 21.15 31.28 -4.50
CA GLY D 164 21.56 30.17 -3.65
C GLY D 164 20.37 29.37 -3.15
N LEU D 165 20.61 28.07 -2.95
CA LEU D 165 19.59 27.24 -2.33
C LEU D 165 19.32 27.60 -0.87
N GLU D 166 20.16 28.44 -0.27
CA GLU D 166 19.85 28.98 1.04
C GLU D 166 18.47 29.63 1.08
N LYS D 167 17.97 30.10 -0.08
CA LYS D 167 16.74 30.87 -0.14
C LYS D 167 15.53 30.06 -0.61
N MET D 168 15.68 28.74 -0.74
CA MET D 168 14.67 27.97 -1.48
C MET D 168 13.36 27.88 -0.73
N TRP D 169 13.35 28.06 0.58
CA TRP D 169 12.09 28.14 1.30
C TRP D 169 11.72 29.56 1.69
N HIS D 170 12.33 30.56 1.07
CA HIS D 170 11.87 31.93 1.18
C HIS D 170 10.76 32.28 0.17
N ILE D 171 10.40 31.36 -0.70
CA ILE D 171 9.36 31.59 -1.70
C ILE D 171 8.37 30.42 -1.64
N HIS D 172 7.17 30.69 -2.18
CA HIS D 172 6.11 29.71 -2.16
C HIS D 172 5.51 29.50 -3.55
N MET D 173 5.02 28.28 -3.76
CA MET D 173 4.21 27.97 -4.92
C MET D 173 3.07 27.10 -4.47
N ASP D 174 1.83 27.51 -4.81
CA ASP D 174 0.67 26.66 -4.57
C ASP D 174 0.58 25.55 -5.61
N ASN D 175 -0.38 24.63 -5.42
CA ASN D 175 -0.65 23.59 -6.40
C ASN D 175 -1.18 24.19 -7.70
N THR D 176 -0.54 23.81 -8.81
CA THR D 176 -0.68 24.40 -10.16
C THR D 176 -0.34 25.89 -10.22
N GLY D 177 0.40 26.40 -9.24
CA GLY D 177 0.94 27.75 -9.35
C GLY D 177 2.00 27.85 -10.43
N ILE D 178 1.90 28.90 -11.27
CA ILE D 178 2.77 29.09 -12.41
C ILE D 178 3.75 30.22 -12.12
N SER D 179 5.01 30.02 -12.46
CA SER D 179 6.04 31.04 -12.34
C SER D 179 6.77 31.09 -13.66
N LEU D 180 6.74 32.25 -14.31
CA LEU D 180 7.40 32.45 -15.59
C LEU D 180 8.83 32.98 -15.40
N LEU D 181 9.77 32.22 -15.94
CA LEU D 181 11.20 32.51 -15.97
C LEU D 181 11.60 32.69 -17.42
N GLU D 182 12.22 33.81 -17.72
CA GLU D 182 12.66 34.10 -19.07
C GLU D 182 14.17 34.01 -19.10
N TYR D 183 14.68 33.51 -20.23
CA TYR D 183 16.11 33.34 -20.48
C TYR D 183 16.47 34.02 -21.80
N ASP D 184 17.47 34.89 -21.75
CA ASP D 184 17.87 35.69 -22.91
C ASP D 184 19.17 35.20 -23.55
N GLY D 185 19.52 33.95 -23.33
CA GLY D 185 20.76 33.39 -23.81
C GLY D 185 21.95 33.69 -22.95
N GLU D 186 21.81 34.54 -21.95
CA GLU D 186 22.90 34.86 -21.04
C GLU D 186 22.48 34.88 -19.58
N ARG D 187 21.26 35.31 -19.28
CA ARG D 187 20.79 35.37 -17.90
C ARG D 187 19.28 35.20 -17.85
N PHE D 188 18.78 35.10 -16.63
CA PHE D 188 17.40 34.85 -16.35
C PHE D 188 16.73 36.08 -15.72
N TYR D 189 15.42 36.20 -15.96
CA TYR D 189 14.58 37.23 -15.36
C TYR D 189 13.32 36.53 -14.86
N LEU D 190 12.93 36.77 -13.61
CA LEU D 190 11.71 36.21 -13.08
C LEU D 190 10.54 37.16 -13.31
N LYS D 191 9.57 36.72 -14.12
CA LYS D 191 8.45 37.55 -14.49
C LYS D 191 7.24 37.37 -13.59
N SER D 192 7.12 36.25 -12.89
CA SER D 192 5.98 36.01 -12.01
C SER D 192 6.35 34.87 -11.07
N LEU D 193 5.65 34.84 -9.94
CA LEU D 193 5.76 33.71 -9.02
C LEU D 193 4.39 33.36 -8.46
N ASN D 194 4.07 32.06 -8.59
CA ASN D 194 2.91 31.45 -7.98
C ASN D 194 1.64 32.11 -8.47
N ASP D 195 1.52 32.21 -9.80
CA ASP D 195 0.26 32.60 -10.45
C ASP D 195 -0.76 31.46 -10.45
N THR D 196 -1.90 31.70 -9.81
CA THR D 196 -3.00 30.76 -9.75
C THR D 196 -4.29 31.42 -10.21
N CYS D 197 -4.17 32.35 -11.15
CA CYS D 197 -5.34 33.03 -11.70
C CYS D 197 -6.38 32.07 -12.28
N HIS D 198 -5.97 30.92 -12.79
CA HIS D 198 -6.89 29.96 -13.37
C HIS D 198 -7.73 29.24 -12.34
N LEU D 199 -7.36 29.31 -11.05
CA LEU D 199 -8.20 28.72 -10.02
C LEU D 199 -9.24 29.68 -9.44
N LEU D 200 -9.27 30.94 -9.88
CA LEU D 200 -10.24 31.91 -9.36
C LEU D 200 -11.68 31.38 -9.32
N VAL D 201 -12.11 30.72 -10.39
CA VAL D 201 -13.46 30.18 -10.47
C VAL D 201 -13.82 29.22 -9.34
N LEU D 202 -12.86 28.77 -8.54
CA LEU D 202 -13.15 27.86 -7.44
C LEU D 202 -13.37 28.57 -6.10
N ASP D 203 -13.11 29.86 -6.01
CA ASP D 203 -13.28 30.58 -4.74
C ASP D 203 -14.76 30.64 -4.35
#